data_7CKW
#
_entry.id   7CKW
#
_cell.length_a   1.00
_cell.length_b   1.00
_cell.length_c   1.00
_cell.angle_alpha   90.00
_cell.angle_beta   90.00
_cell.angle_gamma   90.00
#
_symmetry.space_group_name_H-M   'P 1'
#
loop_
_entity.id
_entity.type
_entity.pdbx_description
1 polymer 'Guanine nucleotide-binding protein G(s) subunit alpha isoforms short'
2 polymer 'Guanine nucleotide-binding protein G(I)/G(S)/G(T) subunit beta-1'
3 polymer 'Guanine nucleotide-binding protein G(I)/G(S)/G(O) subunit gamma-2'
4 polymer 'nanobody 35'
5 polymer 'D(1A) dopamine receptor'
6 non-polymer (1R)-6-chloranyl-1-(4-hydroxyphenyl)-2,3,4,5-tetrahydro-1H-3-benzazepine-7,8-diol
7 non-polymer CHOLESTEROL
#
loop_
_entity_poly.entity_id
_entity_poly.type
_entity_poly.pdbx_seq_one_letter_code
_entity_poly.pdbx_strand_id
1 'polypeptide(L)'
;MGCLGNSKTEDQRNEEKAQREANKKIEKQLQKDKQVYRATHRLLLLGAGESGKSTIVKQMRILHVNGFNGEGGEEDPQAA
RSNSDGEKATKVQDIKNNLKEAIETIVAAMSNLVPPVELANPENQFRVDYILSVMNVPDFDFPPEFYEHAKALWEDEGVR
ACYERSNEYQLIDCAQYFLDKIDVIKQADYVPSDQDLLRCRVLTTGIFETKFQVDKVNFHMFDVGAQRDERRKWIQCFND
VTAIIFVVASSSYNMVIREDNQTNRLQEALNLFKSIWNNRWLRTISVILFLNKQDLLAEKVLAGKSKIEDYFPEFARYTT
PEDATPEPGEDPRVTRAKYFIRDEFLRISTASGDGRHYCYPHFTCSVDTENIRRVFNDCRDIIQRMHLRQYELL
;
A
2 'polypeptide(L)'
;MHHHHLEVLFQGPGSSGSELDQLRQEAEQLKNQIRDARKACADATLSQITNNIDPVGRIQMRTRRTLRGHLAKIYAMHWG
TDSRLLVSASQDGKLIIWDSYTTNKVHAIPLRSSWVMTCAYAPSGNYVACGGLDNICSIYNLKTREGNVRVSRELAGHTG
YLSCCRFLDDNQIVTSSGDTTCALWDIETGQQTTTFTGHTGDVMSLSLAPDTRLFVSGACDASAKLWDVREGMCRQTFTG
HESDINAICFFPNGNAFATGSDDATCRLFDLRADQELMTYSHDNIICGITSVSFSKSGRLLLAGYDDFNCNVWDALKADR
AGVLAGHDNRVSCLGVTDDGMAVATGSWDSFLKIWN
;
B
3 'polypeptide(L)' MASNNTASIAQARKLVEQLKMEANIDRIKVSKAAADLMAYCEAHAKEDPLLTPVPASENPFREKKFFCAIL G
4 'polypeptide(L)'
;MKYLLPTAAAGLLLLAAQPAMAQVQLQESGGGLVQPGGSLRLSCAASGFTFSNYKMNWVRQAPGKGLEWVSDISQSGASI
SYTGSVKGRFTISRDNAKNTLYLQMNSLKPEDTAVYYCARCPAPFTRDCFDVTSTTYAYRGQGTQVTVSSHHHHHH
;
N
5 'polypeptide(L)'
;DYDDDKAMRTLNTSAMDGTGLVVERDFSVRILTACFLSLLILSTLLGNTLVCAAVIRFRHLRSKVTNFFVISLAVSDLLV
AVLVMPWKAVAEIAGFWPFGSFCNIWVAFDIMCSTASILNLCVISVDRYWAISSPFRYERKMTPKAAFILISVAWTLSVL
ISFIPVQLSWHKAKPTSPSDGNATSLAETIDNCDSSLSRTYAISSSVISFYIPVAIMIVTYTRIYRIAQKQIRRIAALER
AAVHAKNCQTTTGNGKPVECSQPESSFKMSFKRETKVLKTLSVIMGVFVCCWLPFFILNCILPFCGSGETQPFCIDSNTF
DVFVWFGWANSSLNPIIYAFNADFRKAFSTLLGCYRLCPATNNAIETVSINNNGAAMFSSHHEPRGSISKECNLVYLIPH
AVGSSEDLKKEEAAGIARPLEKLSPALSVILDYDTDVSLEKIQPITQNGQHPT
;
R
#
# COMPACT_ATOMS: atom_id res chain seq x y z
N ASP A 11 23.65 23.24 -26.54
CA ASP A 11 22.97 24.06 -27.54
C ASP A 11 21.45 23.98 -27.38
N GLN A 12 20.73 24.14 -28.50
CA GLN A 12 19.27 24.08 -28.46
C GLN A 12 18.76 22.64 -28.39
N ARG A 13 19.45 21.70 -29.05
CA ARG A 13 19.07 20.30 -29.00
C ARG A 13 20.25 19.36 -28.89
N ASN A 14 21.48 19.86 -28.74
CA ASN A 14 22.65 19.00 -28.70
C ASN A 14 22.65 18.10 -27.47
N GLU A 15 22.48 18.70 -26.29
CA GLU A 15 22.46 17.90 -25.06
C GLU A 15 21.11 17.24 -24.84
N GLU A 16 20.03 17.84 -25.32
CA GLU A 16 18.71 17.24 -25.14
C GLU A 16 18.55 15.95 -25.95
N LYS A 17 19.20 15.86 -27.11
CA LYS A 17 19.14 14.61 -27.87
C LYS A 17 19.87 13.49 -27.13
N ALA A 18 21.03 13.79 -26.54
CA ALA A 18 21.73 12.78 -25.74
C ALA A 18 20.91 12.40 -24.51
N GLN A 19 20.25 13.39 -23.88
CA GLN A 19 19.41 13.10 -22.74
C GLN A 19 18.24 12.20 -23.13
N ARG A 20 17.64 12.45 -24.31
CA ARG A 20 16.55 11.61 -24.76
C ARG A 20 17.02 10.21 -25.11
N GLU A 21 18.23 10.08 -25.66
CA GLU A 21 18.78 8.76 -25.94
C GLU A 21 19.03 7.99 -24.64
N ALA A 22 19.56 8.67 -23.62
CA ALA A 22 19.76 8.04 -22.32
C ALA A 22 18.42 7.66 -21.69
N ASN A 23 17.41 8.51 -21.85
CA ASN A 23 16.08 8.18 -21.34
C ASN A 23 15.49 6.98 -22.06
N LYS A 24 15.75 6.86 -23.37
CA LYS A 24 15.26 5.70 -24.11
C LYS A 24 15.97 4.42 -23.67
N LYS A 25 17.28 4.51 -23.41
CA LYS A 25 18.00 3.35 -22.91
C LYS A 25 17.48 2.95 -21.52
N ILE A 26 17.23 3.93 -20.66
CA ILE A 26 16.71 3.64 -19.32
C ILE A 26 15.31 3.05 -19.42
N GLU A 27 14.51 3.54 -20.37
CA GLU A 27 13.16 3.00 -20.56
C GLU A 27 13.22 1.56 -21.05
N LYS A 28 14.17 1.25 -21.94
CA LYS A 28 14.35 -0.13 -22.38
C LYS A 28 14.76 -1.03 -21.22
N GLN A 29 15.70 -0.57 -20.40
CA GLN A 29 16.12 -1.34 -19.23
C GLN A 29 14.95 -1.55 -18.26
N LEU A 30 14.13 -0.53 -18.06
CA LEU A 30 13.02 -0.65 -17.12
C LEU A 30 11.92 -1.53 -17.67
N GLN A 31 11.69 -1.50 -18.99
CA GLN A 31 10.72 -2.42 -19.57
C GLN A 31 11.21 -3.85 -19.54
N LYS A 32 12.54 -4.06 -19.64
CA LYS A 32 13.07 -5.40 -19.49
C LYS A 32 12.98 -5.88 -18.05
N ASP A 33 13.15 -4.98 -17.08
CA ASP A 33 13.07 -5.35 -15.67
C ASP A 33 11.63 -5.44 -15.15
N LYS A 34 10.67 -4.85 -15.87
CA LYS A 34 9.28 -4.93 -15.43
C LYS A 34 8.74 -6.35 -15.55
N GLN A 35 9.12 -7.05 -16.62
CA GLN A 35 8.72 -8.45 -16.75
C GLN A 35 9.32 -9.29 -15.63
N VAL A 36 10.55 -8.98 -15.23
CA VAL A 36 11.18 -9.69 -14.13
C VAL A 36 10.43 -9.41 -12.83
N TYR A 37 10.16 -8.13 -12.56
CA TYR A 37 9.45 -7.76 -11.34
C TYR A 37 8.06 -8.38 -11.28
N ARG A 38 7.40 -8.51 -12.42
CA ARG A 38 6.11 -9.19 -12.46
C ARG A 38 6.24 -10.70 -12.38
N ALA A 39 7.40 -11.24 -12.73
CA ALA A 39 7.64 -12.67 -12.62
C ALA A 39 8.12 -13.08 -11.24
N THR A 40 9.09 -12.35 -10.68
CA THR A 40 9.58 -12.62 -9.33
C THR A 40 8.55 -12.12 -8.33
N HIS A 41 7.72 -13.02 -7.83
CA HIS A 41 6.71 -12.67 -6.84
C HIS A 41 7.39 -12.57 -5.48
N ARG A 42 7.56 -11.33 -5.00
CA ARG A 42 8.22 -11.11 -3.72
C ARG A 42 7.40 -11.71 -2.59
N LEU A 43 8.11 -12.19 -1.56
CA LEU A 43 7.49 -12.82 -0.41
C LEU A 43 8.05 -12.22 0.87
N LEU A 44 7.18 -12.04 1.86
CA LEU A 44 7.58 -11.54 3.18
C LEU A 44 7.57 -12.69 4.16
N LEU A 45 8.75 -13.09 4.62
CA LEU A 45 8.90 -14.18 5.59
C LEU A 45 9.16 -13.57 6.96
N LEU A 46 8.23 -13.77 7.88
CA LEU A 46 8.36 -13.24 9.23
C LEU A 46 7.62 -14.15 10.20
N GLY A 47 7.88 -13.94 11.50
CA GLY A 47 7.24 -14.72 12.53
C GLY A 47 7.28 -13.97 13.84
N ALA A 48 6.79 -14.64 14.88
CA ALA A 48 6.76 -14.08 16.23
C ALA A 48 8.10 -14.20 16.95
N GLY A 49 9.17 -14.53 16.24
CA GLY A 49 10.47 -14.69 16.86
C GLY A 49 10.85 -16.14 17.04
N GLU A 50 11.97 -16.55 16.43
CA GLU A 50 12.50 -17.92 16.50
C GLU A 50 11.41 -18.98 16.25
N SER A 51 10.41 -18.62 15.45
CA SER A 51 9.28 -19.49 15.16
C SER A 51 9.57 -20.50 14.06
N GLY A 52 10.82 -20.60 13.61
CA GLY A 52 11.20 -21.54 12.58
C GLY A 52 11.41 -20.96 11.20
N LYS A 53 11.57 -19.64 11.08
CA LYS A 53 11.82 -19.05 9.76
C LYS A 53 13.17 -19.46 9.21
N SER A 54 14.16 -19.65 10.08
CA SER A 54 15.47 -20.11 9.62
C SER A 54 15.38 -21.50 9.00
N THR A 55 14.51 -22.36 9.54
CA THR A 55 14.29 -23.66 8.93
C THR A 55 13.59 -23.53 7.58
N ILE A 56 12.77 -22.50 7.40
CA ILE A 56 12.12 -22.28 6.11
C ILE A 56 13.15 -21.81 5.08
N VAL A 57 14.06 -20.92 5.48
CA VAL A 57 15.11 -20.49 4.57
C VAL A 57 16.04 -21.66 4.24
N LYS A 58 16.32 -22.51 5.23
CA LYS A 58 17.17 -23.67 4.98
C LYS A 58 16.48 -24.67 4.05
N GLN A 59 15.18 -24.85 4.22
CA GLN A 59 14.40 -25.75 3.35
C GLN A 59 13.82 -24.99 2.16
N MET A 60 14.67 -24.27 1.44
CA MET A 60 14.24 -23.51 0.27
C MET A 60 15.44 -23.38 -0.66
N ARG A 61 15.45 -24.21 -1.71
CA ARG A 61 16.53 -24.24 -2.70
C ARG A 61 17.89 -24.50 -2.06
N ILE A 62 17.88 -25.16 -0.89
CA ILE A 62 19.11 -25.50 -0.16
C ILE A 62 19.94 -24.25 0.14
N LEU A 63 19.27 -23.15 0.43
CA LEU A 63 19.95 -21.89 0.73
C LEU A 63 19.14 -21.03 1.68
N THR A 205 26.05 -8.54 4.80
CA THR A 205 24.94 -9.28 4.20
C THR A 205 24.71 -10.60 4.94
N GLY A 206 23.70 -10.61 5.81
CA GLY A 206 23.37 -11.81 6.57
C GLY A 206 22.16 -12.54 6.01
N ILE A 207 21.03 -12.40 6.68
CA ILE A 207 19.78 -13.03 6.24
C ILE A 207 18.79 -11.91 5.99
N PHE A 208 18.74 -11.45 4.73
CA PHE A 208 17.81 -10.39 4.33
C PHE A 208 16.84 -10.85 3.26
N GLU A 209 17.34 -11.44 2.17
CA GLU A 209 16.49 -11.88 1.07
C GLU A 209 17.04 -13.17 0.49
N THR A 210 16.17 -14.16 0.32
CA THR A 210 16.52 -15.40 -0.35
C THR A 210 15.57 -15.60 -1.53
N LYS A 211 16.10 -16.08 -2.64
CA LYS A 211 15.33 -16.27 -3.87
C LYS A 211 15.43 -17.72 -4.33
N PHE A 212 14.31 -18.25 -4.80
CA PHE A 212 14.25 -19.58 -5.38
C PHE A 212 13.40 -19.52 -6.64
N GLN A 213 13.29 -20.65 -7.34
CA GLN A 213 12.55 -20.70 -8.59
C GLN A 213 12.04 -22.12 -8.82
N VAL A 214 10.73 -22.23 -9.02
CA VAL A 214 10.09 -23.50 -9.32
C VAL A 214 9.14 -23.31 -10.48
N ASP A 215 9.14 -24.27 -11.41
CA ASP A 215 8.32 -24.21 -12.62
C ASP A 215 8.58 -22.92 -13.40
N LYS A 216 9.86 -22.53 -13.48
CA LYS A 216 10.29 -21.30 -14.16
C LYS A 216 9.61 -20.06 -13.55
N VAL A 217 9.28 -20.12 -12.27
CA VAL A 217 8.62 -19.02 -11.58
C VAL A 217 9.48 -18.70 -10.36
N ASN A 218 10.21 -17.59 -10.43
CA ASN A 218 11.10 -17.19 -9.35
C ASN A 218 10.34 -16.39 -8.29
N PHE A 219 10.84 -16.44 -7.06
CA PHE A 219 10.25 -15.74 -5.93
C PHE A 219 11.34 -14.99 -5.18
N HIS A 220 10.92 -14.00 -4.39
CA HIS A 220 11.81 -13.18 -3.58
C HIS A 220 11.33 -13.25 -2.13
N MET A 221 11.79 -14.25 -1.40
CA MET A 221 11.42 -14.42 0.00
C MET A 221 12.34 -13.54 0.85
N PHE A 222 11.81 -12.42 1.33
CA PHE A 222 12.58 -11.46 2.10
C PHE A 222 12.40 -11.76 3.59
N ASP A 223 13.50 -12.06 4.27
CA ASP A 223 13.49 -12.30 5.71
C ASP A 223 13.89 -11.03 6.46
N VAL A 224 13.37 -10.89 7.67
CA VAL A 224 13.61 -9.71 8.47
C VAL A 224 14.28 -10.08 9.78
N GLY A 225 15.10 -11.13 9.76
CA GLY A 225 15.79 -11.59 10.95
C GLY A 225 16.90 -10.67 11.41
N ALA A 226 17.02 -9.49 10.80
CA ALA A 226 18.01 -8.51 11.18
C ALA A 226 17.43 -7.15 11.54
N GLN A 227 16.11 -6.99 11.46
CA GLN A 227 15.47 -5.73 11.81
C GLN A 227 15.34 -5.62 13.33
N ARG A 228 14.71 -4.54 13.78
CA ARG A 228 14.50 -4.31 15.20
C ARG A 228 13.18 -4.97 15.63
N ASP A 229 12.74 -4.67 16.86
CA ASP A 229 11.57 -5.32 17.40
C ASP A 229 10.28 -4.73 16.82
N GLU A 230 10.20 -3.42 16.70
CA GLU A 230 8.97 -2.78 16.22
C GLU A 230 8.81 -3.01 14.72
N ARG A 231 7.59 -3.36 14.32
CA ARG A 231 7.30 -3.75 12.94
C ARG A 231 6.27 -2.83 12.27
N ARG A 232 5.90 -1.73 12.91
CA ARG A 232 4.82 -0.90 12.38
C ARG A 232 5.20 -0.13 11.13
N LYS A 233 6.49 -0.04 10.79
CA LYS A 233 6.95 0.79 9.69
C LYS A 233 7.58 -0.01 8.56
N TRP A 234 8.56 -0.86 8.86
CA TRP A 234 9.21 -1.61 7.79
C TRP A 234 8.30 -2.67 7.18
N ILE A 235 7.19 -3.00 7.83
CA ILE A 235 6.24 -3.94 7.24
C ILE A 235 5.34 -3.27 6.21
N GLN A 236 5.24 -1.93 6.25
CA GLN A 236 4.49 -1.21 5.22
C GLN A 236 5.20 -1.25 3.87
N CYS A 237 6.50 -1.53 3.86
CA CYS A 237 7.23 -1.64 2.60
C CYS A 237 6.82 -2.86 1.81
N PHE A 238 6.20 -3.85 2.45
CA PHE A 238 5.67 -5.02 1.75
C PHE A 238 4.20 -4.84 1.41
N ASN A 239 3.87 -3.74 0.76
CA ASN A 239 2.50 -3.48 0.31
C ASN A 239 2.25 -3.99 -1.09
N ASP A 240 3.25 -3.95 -1.96
CA ASP A 240 3.18 -4.57 -3.28
C ASP A 240 3.69 -6.00 -3.27
N VAL A 241 3.95 -6.55 -2.08
CA VAL A 241 4.43 -7.93 -1.99
C VAL A 241 3.32 -8.90 -2.34
N THR A 242 3.70 -10.09 -2.78
CA THR A 242 2.72 -11.08 -3.21
C THR A 242 2.12 -11.82 -2.02
N ALA A 243 2.97 -12.41 -1.17
CA ALA A 243 2.52 -13.23 -0.07
C ALA A 243 3.33 -12.93 1.17
N ILE A 244 2.65 -12.71 2.30
CA ILE A 244 3.30 -12.50 3.58
C ILE A 244 3.33 -13.86 4.27
N ILE A 245 4.42 -14.60 4.07
CA ILE A 245 4.56 -15.93 4.63
C ILE A 245 4.77 -15.82 6.14
N PHE A 246 3.74 -16.14 6.90
CA PHE A 246 3.79 -16.05 8.36
C PHE A 246 4.18 -17.41 8.92
N VAL A 247 5.45 -17.55 9.30
CA VAL A 247 5.96 -18.79 9.88
C VAL A 247 5.58 -18.78 11.37
N VAL A 248 4.57 -19.56 11.73
CA VAL A 248 4.09 -19.65 13.11
C VAL A 248 4.63 -20.92 13.74
N ALA A 249 5.15 -20.80 14.96
CA ALA A 249 5.59 -21.95 15.72
C ALA A 249 4.38 -22.58 16.40
N SER A 250 3.86 -23.65 15.81
CA SER A 250 2.66 -24.31 16.34
C SER A 250 2.90 -25.07 17.63
N SER A 251 4.15 -25.14 18.10
CA SER A 251 4.47 -25.83 19.35
C SER A 251 5.03 -24.92 20.43
N SER A 252 5.44 -23.70 20.09
CA SER A 252 6.03 -22.77 21.04
C SER A 252 4.99 -21.91 21.74
N TYR A 253 3.73 -22.35 21.77
CA TYR A 253 2.70 -21.62 22.51
C TYR A 253 2.95 -21.61 24.01
N ASN A 254 3.79 -22.52 24.51
CA ASN A 254 4.13 -22.52 25.92
C ASN A 254 5.03 -21.33 26.27
N MET A 255 6.08 -21.12 25.48
CA MET A 255 7.00 -20.01 25.72
C MET A 255 7.06 -19.10 24.50
N THR A 263 5.31 -16.67 27.87
CA THR A 263 5.49 -15.72 26.79
C THR A 263 4.33 -15.79 25.80
N ASN A 264 3.83 -17.01 25.58
CA ASN A 264 2.72 -17.27 24.67
C ASN A 264 3.05 -16.77 23.26
N ARG A 265 4.07 -17.40 22.67
CA ARG A 265 4.50 -17.02 21.32
C ARG A 265 3.38 -17.19 20.30
N LEU A 266 2.44 -18.10 20.56
CA LEU A 266 1.29 -18.26 19.68
C LEU A 266 0.45 -16.98 19.63
N GLN A 267 0.10 -16.45 20.80
CA GLN A 267 -0.64 -15.19 20.84
C GLN A 267 0.18 -14.04 20.27
N GLU A 268 1.51 -14.10 20.42
CA GLU A 268 2.37 -13.09 19.79
C GLU A 268 2.22 -13.13 18.28
N ALA A 269 2.05 -14.33 17.71
CA ALA A 269 1.86 -14.46 16.27
C ALA A 269 0.46 -14.05 15.88
N LEU A 270 -0.54 -14.31 16.73
CA LEU A 270 -1.91 -13.91 16.43
C LEU A 270 -2.03 -12.39 16.35
N ASN A 271 -1.50 -11.67 17.34
CA ASN A 271 -1.57 -10.22 17.32
C ASN A 271 -0.79 -9.64 16.15
N LEU A 272 0.32 -10.28 15.78
CA LEU A 272 1.05 -9.84 14.59
C LEU A 272 0.28 -10.18 13.32
N PHE A 273 -0.32 -11.36 13.27
CA PHE A 273 -1.18 -11.70 12.14
C PHE A 273 -2.41 -10.81 12.10
N LYS A 274 -2.96 -10.47 13.27
CA LYS A 274 -4.07 -9.53 13.31
C LYS A 274 -3.61 -8.14 12.88
N SER A 275 -2.39 -7.76 13.26
CA SER A 275 -1.85 -6.48 12.80
C SER A 275 -1.54 -6.52 11.31
N ILE A 276 -1.13 -7.66 10.78
CA ILE A 276 -0.89 -7.78 9.34
C ILE A 276 -2.21 -7.81 8.60
N TRP A 277 -3.22 -8.50 9.15
CA TRP A 277 -4.51 -8.60 8.47
C TRP A 277 -5.23 -7.25 8.45
N ASN A 278 -5.36 -6.62 9.62
CA ASN A 278 -6.08 -5.35 9.73
C ASN A 278 -5.21 -4.15 9.41
N ASN A 279 -4.04 -4.34 8.80
CA ASN A 279 -3.21 -3.22 8.40
C ASN A 279 -3.86 -2.46 7.24
N ARG A 280 -3.60 -1.15 7.20
CA ARG A 280 -4.15 -0.34 6.12
C ARG A 280 -3.48 -0.62 4.78
N TRP A 281 -2.28 -1.22 4.81
CA TRP A 281 -1.54 -1.52 3.58
C TRP A 281 -1.36 -3.00 3.33
N LEU A 282 -1.35 -3.83 4.37
CA LEU A 282 -1.29 -5.27 4.23
C LEU A 282 -2.67 -5.90 4.16
N ARG A 283 -3.70 -5.12 3.89
CA ARG A 283 -5.06 -5.64 3.77
C ARG A 283 -5.35 -6.23 2.40
N THR A 284 -4.51 -5.95 1.41
CA THR A 284 -4.67 -6.48 0.07
C THR A 284 -3.64 -7.56 -0.26
N ILE A 285 -2.97 -8.09 0.76
CA ILE A 285 -1.94 -9.11 0.58
C ILE A 285 -2.34 -10.32 1.41
N SER A 286 -2.41 -11.49 0.75
CA SER A 286 -2.70 -12.73 1.45
C SER A 286 -1.53 -13.11 2.36
N VAL A 287 -1.80 -14.04 3.27
CA VAL A 287 -0.81 -14.48 4.24
C VAL A 287 -0.70 -16.00 4.14
N ILE A 288 0.49 -16.49 3.79
CA ILE A 288 0.76 -17.93 3.76
C ILE A 288 1.11 -18.34 5.18
N LEU A 289 0.14 -18.89 5.90
CA LEU A 289 0.33 -19.30 7.29
C LEU A 289 1.12 -20.60 7.33
N PHE A 290 2.37 -20.53 7.80
CA PHE A 290 3.22 -21.69 7.91
C PHE A 290 3.29 -22.09 9.40
N LEU A 291 2.49 -23.08 9.77
CA LEU A 291 2.47 -23.59 11.15
C LEU A 291 3.69 -24.48 11.35
N ASN A 292 4.84 -23.84 11.54
CA ASN A 292 6.09 -24.56 11.74
C ASN A 292 6.08 -25.27 13.09
N LYS A 293 7.08 -26.13 13.28
CA LYS A 293 7.24 -26.93 14.50
C LYS A 293 6.01 -27.79 14.75
N GLN A 294 5.41 -28.30 13.68
CA GLN A 294 4.29 -29.21 13.82
C GLN A 294 4.74 -30.55 14.39
N ASP A 295 5.93 -31.02 13.99
CA ASP A 295 6.46 -32.25 14.57
C ASP A 295 6.74 -32.09 16.05
N LEU A 296 7.20 -30.90 16.47
CA LEU A 296 7.36 -30.64 17.90
C LEU A 296 6.01 -30.58 18.61
N LEU A 297 4.96 -30.16 17.88
CA LEU A 297 3.64 -30.11 18.48
C LEU A 297 3.09 -31.51 18.77
N ALA A 298 3.53 -32.51 18.01
CA ALA A 298 3.04 -33.87 18.22
C ALA A 298 3.35 -34.37 19.62
N GLU A 299 4.58 -34.14 20.09
CA GLU A 299 4.96 -34.53 21.44
C GLU A 299 4.70 -33.44 22.47
N LYS A 300 4.21 -32.27 22.05
CA LYS A 300 3.95 -31.21 23.01
C LYS A 300 2.56 -31.33 23.64
N VAL A 301 1.58 -31.83 22.89
CA VAL A 301 0.22 -31.93 23.41
C VAL A 301 -0.07 -33.33 23.95
N LEU A 302 0.50 -34.37 23.35
CA LEU A 302 0.25 -35.73 23.82
C LEU A 302 0.91 -35.99 25.17
N ALA A 303 2.12 -35.47 25.37
CA ALA A 303 2.82 -35.67 26.63
C ALA A 303 2.25 -34.84 27.77
N GLY A 304 1.36 -33.90 27.48
CA GLY A 304 0.77 -33.05 28.50
C GLY A 304 1.68 -31.96 29.03
N LYS A 305 2.89 -31.82 28.49
CA LYS A 305 3.80 -30.78 28.96
C LYS A 305 3.29 -29.39 28.62
N SER A 306 2.65 -29.23 27.46
CA SER A 306 2.17 -27.92 27.00
C SER A 306 0.79 -28.10 26.37
N LYS A 307 -0.22 -27.57 27.03
CA LYS A 307 -1.60 -27.68 26.59
C LYS A 307 -2.11 -26.31 26.13
N ILE A 308 -2.98 -26.33 25.10
CA ILE A 308 -3.58 -25.09 24.61
C ILE A 308 -4.47 -24.45 25.67
N GLU A 309 -4.96 -25.26 26.62
CA GLU A 309 -5.85 -24.74 27.65
C GLU A 309 -5.17 -23.66 28.49
N ASP A 310 -3.88 -23.79 28.76
CA ASP A 310 -3.17 -22.79 29.56
C ASP A 310 -3.00 -21.47 28.82
N TYR A 311 -3.19 -21.46 27.50
CA TYR A 311 -3.01 -20.25 26.72
C TYR A 311 -4.19 -19.93 25.80
N PHE A 312 -5.23 -20.77 25.78
CA PHE A 312 -6.44 -20.51 25.00
C PHE A 312 -7.62 -21.26 25.59
N PRO A 313 -8.65 -20.57 26.07
CA PRO A 313 -9.83 -21.28 26.60
C PRO A 313 -10.75 -21.82 25.53
N GLU A 314 -10.68 -21.29 24.30
CA GLU A 314 -11.54 -21.76 23.22
C GLU A 314 -11.21 -23.19 22.79
N PHE A 315 -10.03 -23.70 23.16
CA PHE A 315 -9.67 -25.06 22.79
C PHE A 315 -10.54 -26.09 23.49
N ALA A 316 -11.05 -25.77 24.68
CA ALA A 316 -11.94 -26.70 25.38
C ALA A 316 -13.26 -26.86 24.65
N ARG A 317 -13.76 -25.80 24.01
CA ARG A 317 -15.00 -25.84 23.24
C ARG A 317 -14.72 -26.01 21.74
N TYR A 318 -13.61 -26.67 21.40
CA TYR A 318 -13.21 -26.85 20.01
C TYR A 318 -13.00 -28.33 19.72
N THR A 319 -13.50 -28.77 18.57
CA THR A 319 -13.33 -30.14 18.10
C THR A 319 -12.69 -30.12 16.72
N THR A 320 -12.28 -31.30 16.27
CA THR A 320 -11.67 -31.43 14.96
C THR A 320 -12.70 -31.13 13.88
N PRO A 321 -12.40 -30.25 12.92
CA PRO A 321 -13.38 -29.94 11.87
C PRO A 321 -13.60 -31.13 10.95
N GLU A 322 -14.71 -31.07 10.22
CA GLU A 322 -15.05 -32.16 9.31
C GLU A 322 -14.17 -32.14 8.06
N ASP A 323 -13.64 -30.98 7.69
CA ASP A 323 -12.76 -30.85 6.53
C ASP A 323 -11.28 -30.95 6.88
N ALA A 324 -10.95 -31.69 7.94
CA ALA A 324 -9.56 -31.86 8.33
C ALA A 324 -8.92 -33.01 7.58
N THR A 325 -7.61 -32.89 7.37
CA THR A 325 -6.81 -33.91 6.67
C THR A 325 -5.80 -34.48 7.67
N PRO A 326 -6.13 -35.56 8.36
CA PRO A 326 -5.20 -36.13 9.33
C PRO A 326 -3.99 -36.74 8.64
N GLU A 327 -2.98 -37.04 9.46
CA GLU A 327 -1.74 -37.63 9.00
C GLU A 327 -1.60 -39.06 9.53
N PRO A 328 -1.18 -40.01 8.69
CA PRO A 328 -0.99 -41.39 9.16
C PRO A 328 0.03 -41.45 10.30
N GLY A 329 -0.43 -41.91 11.45
CA GLY A 329 0.41 -41.96 12.63
C GLY A 329 0.31 -40.75 13.53
N GLU A 330 -0.76 -39.96 13.42
CA GLU A 330 -0.95 -38.76 14.23
C GLU A 330 -2.23 -38.92 15.04
N ASP A 331 -2.12 -38.77 16.35
CA ASP A 331 -3.27 -38.95 17.23
C ASP A 331 -4.27 -37.82 17.02
N PRO A 332 -5.57 -38.12 17.13
CA PRO A 332 -6.58 -37.06 16.95
C PRO A 332 -6.42 -35.88 17.90
N ARG A 333 -5.79 -36.09 19.06
CA ARG A 333 -5.53 -34.97 19.96
C ARG A 333 -4.58 -33.97 19.32
N VAL A 334 -3.62 -34.45 18.54
CA VAL A 334 -2.73 -33.55 17.81
C VAL A 334 -3.50 -32.85 16.69
N THR A 335 -4.35 -33.60 15.98
CA THR A 335 -5.14 -33.00 14.91
C THR A 335 -6.07 -31.92 15.46
N ARG A 336 -6.71 -32.20 16.61
CA ARG A 336 -7.55 -31.19 17.24
C ARG A 336 -6.72 -29.99 17.69
N ALA A 337 -5.50 -30.23 18.15
CA ALA A 337 -4.63 -29.13 18.58
C ALA A 337 -4.06 -28.39 17.39
N LYS A 338 -3.59 -29.12 16.37
CA LYS A 338 -2.98 -28.47 15.21
C LYS A 338 -3.99 -27.66 14.43
N TYR A 339 -5.19 -28.24 14.19
CA TYR A 339 -6.20 -27.53 13.45
C TYR A 339 -6.84 -26.40 14.25
N PHE A 340 -6.70 -26.42 15.57
CA PHE A 340 -7.12 -25.27 16.36
C PHE A 340 -6.23 -24.07 16.09
N ILE A 341 -4.94 -24.30 15.87
CA ILE A 341 -4.03 -23.21 15.51
C ILE A 341 -4.43 -22.61 14.18
N ARG A 342 -4.81 -23.46 13.22
CA ARG A 342 -5.29 -22.97 11.93
C ARG A 342 -6.60 -22.20 12.09
N ASP A 343 -7.56 -22.78 12.82
CA ASP A 343 -8.84 -22.11 12.98
C ASP A 343 -8.73 -20.85 13.82
N GLU A 344 -7.74 -20.78 14.71
CA GLU A 344 -7.54 -19.56 15.49
C GLU A 344 -7.02 -18.43 14.61
N PHE A 345 -6.08 -18.73 13.71
CA PHE A 345 -5.61 -17.72 12.76
C PHE A 345 -6.68 -17.42 11.72
N LEU A 346 -7.40 -18.46 11.26
CA LEU A 346 -8.45 -18.25 10.27
C LEU A 346 -9.61 -17.43 10.85
N ARG A 347 -9.82 -17.50 12.16
CA ARG A 347 -10.83 -16.65 12.78
C ARG A 347 -10.49 -15.18 12.61
N ILE A 348 -9.21 -14.82 12.77
CA ILE A 348 -8.78 -13.46 12.50
C ILE A 348 -8.78 -13.19 11.00
N SER A 349 -8.45 -14.20 10.19
CA SER A 349 -8.41 -14.00 8.74
C SER A 349 -9.79 -13.75 8.18
N THR A 350 -10.81 -14.45 8.69
CA THR A 350 -12.18 -14.27 8.23
C THR A 350 -12.92 -13.18 8.97
N ALA A 351 -12.32 -12.59 10.01
CA ALA A 351 -12.97 -11.51 10.74
C ALA A 351 -13.13 -10.26 9.88
N SER A 352 -12.18 -10.02 8.97
CA SER A 352 -12.28 -8.86 8.08
C SER A 352 -13.36 -9.08 7.02
N GLY A 353 -13.26 -10.16 6.26
CA GLY A 353 -14.24 -10.45 5.24
C GLY A 353 -14.23 -9.49 4.07
N ASP A 354 -13.09 -8.88 3.77
CA ASP A 354 -13.00 -7.94 2.66
C ASP A 354 -12.89 -8.63 1.31
N GLY A 355 -12.41 -9.88 1.28
CA GLY A 355 -12.27 -10.61 0.04
C GLY A 355 -11.03 -10.30 -0.77
N ARG A 356 -10.28 -9.25 -0.40
CA ARG A 356 -9.08 -8.90 -1.15
C ARG A 356 -7.89 -9.78 -0.80
N HIS A 357 -7.97 -10.47 0.34
CA HIS A 357 -6.84 -11.34 0.78
C HIS A 357 -7.37 -12.46 1.68
N TYR A 358 -6.82 -13.67 1.51
CA TYR A 358 -7.23 -14.81 2.32
C TYR A 358 -5.99 -15.50 2.87
N CYS A 359 -6.16 -16.15 4.02
CA CYS A 359 -5.06 -16.85 4.66
C CYS A 359 -4.92 -18.25 4.07
N TYR A 360 -3.68 -18.74 4.05
CA TYR A 360 -3.36 -20.06 3.50
C TYR A 360 -2.65 -20.86 4.58
N PRO A 361 -3.40 -21.53 5.46
CA PRO A 361 -2.77 -22.27 6.56
C PRO A 361 -2.15 -23.57 6.08
N HIS A 362 -0.86 -23.74 6.38
CA HIS A 362 -0.11 -24.93 6.01
C HIS A 362 0.78 -25.36 7.16
N PHE A 363 0.92 -26.66 7.35
CA PHE A 363 1.75 -27.23 8.41
C PHE A 363 3.07 -27.70 7.83
N THR A 364 4.17 -27.29 8.47
CA THR A 364 5.50 -27.62 7.98
C THR A 364 6.37 -28.15 9.11
N CYS A 365 7.66 -28.34 8.83
CA CYS A 365 8.70 -28.77 9.77
C CYS A 365 8.55 -30.24 10.18
N SER A 366 7.50 -30.93 9.74
CA SER A 366 7.35 -32.34 10.08
C SER A 366 8.16 -33.22 9.14
N VAL A 367 8.14 -32.90 7.85
CA VAL A 367 8.91 -33.64 6.85
C VAL A 367 9.92 -32.69 6.23
N ASP A 368 11.10 -33.25 5.92
CA ASP A 368 12.19 -32.48 5.31
C ASP A 368 12.13 -32.49 3.79
N THR A 369 10.94 -32.69 3.20
CA THR A 369 10.77 -32.67 1.76
C THR A 369 10.78 -31.23 1.27
N GLU A 370 10.49 -31.04 -0.02
CA GLU A 370 10.50 -29.71 -0.61
C GLU A 370 9.35 -28.88 -0.03
N ASN A 371 9.69 -27.71 0.51
CA ASN A 371 8.70 -26.79 1.06
C ASN A 371 8.33 -25.67 0.10
N ILE A 372 9.20 -25.39 -0.88
CA ILE A 372 8.91 -24.35 -1.87
C ILE A 372 7.72 -24.72 -2.74
N ARG A 373 7.39 -26.02 -2.83
CA ARG A 373 6.17 -26.41 -3.53
C ARG A 373 4.94 -25.94 -2.76
N ARG A 374 4.98 -26.03 -1.43
CA ARG A 374 3.88 -25.50 -0.63
C ARG A 374 3.74 -23.99 -0.75
N VAL A 375 4.83 -23.29 -1.08
CA VAL A 375 4.77 -21.86 -1.34
C VAL A 375 4.33 -21.57 -2.77
N PHE A 376 4.77 -22.40 -3.72
CA PHE A 376 4.36 -22.23 -5.11
C PHE A 376 2.87 -22.51 -5.27
N ASN A 377 2.40 -23.65 -4.74
CA ASN A 377 0.99 -24.00 -4.86
C ASN A 377 0.09 -23.02 -4.12
N ASP A 378 0.59 -22.39 -3.05
CA ASP A 378 -0.19 -21.36 -2.38
C ASP A 378 -0.16 -20.05 -3.17
N CYS A 379 1.03 -19.63 -3.60
CA CYS A 379 1.15 -18.40 -4.37
C CYS A 379 0.41 -18.48 -5.70
N ARG A 380 0.31 -19.68 -6.27
CA ARG A 380 -0.49 -19.86 -7.48
C ARG A 380 -1.96 -19.56 -7.18
N ASP A 381 -2.47 -20.08 -6.06
CA ASP A 381 -3.83 -19.78 -5.66
C ASP A 381 -3.98 -18.33 -5.20
N ILE A 382 -2.87 -17.71 -4.76
CA ILE A 382 -2.92 -16.32 -4.33
C ILE A 382 -3.19 -15.40 -5.52
N ILE A 383 -2.40 -15.55 -6.59
CA ILE A 383 -2.63 -14.74 -7.78
C ILE A 383 -3.90 -15.17 -8.48
N GLN A 384 -4.31 -16.43 -8.31
CA GLN A 384 -5.59 -16.89 -8.84
C GLN A 384 -6.74 -16.08 -8.23
N ARG A 385 -6.86 -16.13 -6.90
CA ARG A 385 -7.92 -15.38 -6.23
C ARG A 385 -7.72 -13.88 -6.38
N MET A 386 -6.48 -13.44 -6.55
CA MET A 386 -6.23 -12.02 -6.83
C MET A 386 -6.82 -11.63 -8.18
N HIS A 387 -6.62 -12.49 -9.19
CA HIS A 387 -7.21 -12.23 -10.50
C HIS A 387 -8.70 -12.51 -10.50
N LEU A 388 -9.16 -13.50 -9.73
CA LEU A 388 -10.58 -13.76 -9.61
C LEU A 388 -11.30 -12.57 -8.98
N ARG A 389 -10.72 -12.01 -7.91
CA ARG A 389 -11.29 -10.82 -7.30
C ARG A 389 -11.21 -9.62 -8.24
N GLN A 390 -10.17 -9.57 -9.08
CA GLN A 390 -10.03 -8.47 -10.03
C GLN A 390 -11.15 -8.50 -11.06
N TYR A 391 -11.51 -9.69 -11.54
CA TYR A 391 -12.59 -9.85 -12.51
C TYR A 391 -13.95 -10.08 -11.84
N GLU A 392 -14.04 -9.88 -10.53
CA GLU A 392 -15.28 -10.08 -9.77
C GLU A 392 -15.78 -11.52 -9.89
N LEU A 393 -14.88 -12.47 -10.10
CA LEU A 393 -15.22 -13.88 -10.18
C LEU A 393 -15.00 -14.60 -8.85
N LEU A 394 -15.01 -13.89 -7.74
CA LEU A 394 -14.81 -14.50 -6.43
C LEU A 394 -15.42 -13.63 -5.33
N GLY B 17 19.61 3.27 46.61
CA GLY B 17 18.33 2.64 46.87
C GLY B 17 17.26 3.02 45.87
N SER B 18 16.90 2.08 45.01
CA SER B 18 15.89 2.28 43.97
C SER B 18 16.26 3.47 43.08
N GLU B 19 17.40 3.34 42.41
CA GLU B 19 17.87 4.41 41.53
C GLU B 19 16.90 4.64 40.38
N LEU B 20 16.32 3.56 39.84
CA LEU B 20 15.40 3.69 38.71
C LEU B 20 14.17 4.50 39.08
N ASP B 21 13.56 4.20 40.23
CA ASP B 21 12.34 4.88 40.63
C ASP B 21 12.58 6.37 40.83
N GLN B 22 13.59 6.72 41.63
CA GLN B 22 13.87 8.13 41.90
C GLN B 22 14.32 8.87 40.64
N LEU B 23 15.07 8.20 39.76
CA LEU B 23 15.54 8.87 38.56
C LEU B 23 14.41 9.09 37.57
N ARG B 24 13.47 8.14 37.48
CA ARG B 24 12.30 8.35 36.64
C ARG B 24 11.38 9.41 37.23
N GLN B 25 11.31 9.51 38.56
CA GLN B 25 10.55 10.60 39.18
C GLN B 25 11.18 11.95 38.86
N GLU B 26 12.52 12.02 38.92
CA GLU B 26 13.20 13.25 38.54
C GLU B 26 12.98 13.59 37.07
N ALA B 27 12.95 12.57 36.21
CA ALA B 27 12.71 12.81 34.80
C ALA B 27 11.29 13.31 34.56
N GLU B 28 10.32 12.77 35.30
CA GLU B 28 8.94 13.25 35.19
C GLU B 28 8.81 14.68 35.69
N GLN B 29 9.52 15.01 36.78
CA GLN B 29 9.52 16.39 37.26
C GLN B 29 10.15 17.33 36.25
N LEU B 30 11.23 16.88 35.58
CA LEU B 30 11.86 17.70 34.55
C LEU B 30 10.93 17.89 33.35
N LYS B 31 10.18 16.84 32.99
CA LYS B 31 9.22 16.98 31.90
C LYS B 31 8.10 17.95 32.27
N ASN B 32 7.63 17.90 33.52
CA ASN B 32 6.62 18.85 33.97
C ASN B 32 7.18 20.28 33.95
N GLN B 33 8.44 20.45 34.35
CA GLN B 33 9.06 21.77 34.30
C GLN B 33 9.20 22.25 32.86
N ILE B 34 9.52 21.34 31.95
CA ILE B 34 9.61 21.71 30.53
C ILE B 34 8.25 22.15 30.02
N ARG B 35 7.19 21.43 30.38
CA ARG B 35 5.85 21.81 29.96
C ARG B 35 5.47 23.17 30.54
N ASP B 36 5.81 23.43 31.79
CA ASP B 36 5.48 24.71 32.41
C ASP B 36 6.25 25.85 31.75
N ALA B 37 7.53 25.62 31.42
CA ALA B 37 8.31 26.64 30.74
C ALA B 37 7.81 26.88 29.32
N ARG B 38 7.31 25.84 28.66
CA ARG B 38 6.73 26.01 27.32
C ARG B 38 5.44 26.81 27.39
N LYS B 39 4.56 26.48 28.34
CA LYS B 39 3.30 27.22 28.47
C LYS B 39 3.50 28.62 29.02
N ALA B 40 4.62 28.88 29.70
CA ALA B 40 4.88 30.23 30.19
C ALA B 40 5.12 31.20 29.04
N CYS B 41 5.85 30.76 28.01
CA CYS B 41 6.07 31.55 26.82
C CYS B 41 5.01 31.29 25.75
N ALA B 42 3.89 30.66 26.11
CA ALA B 42 2.82 30.34 25.19
C ALA B 42 1.53 31.06 25.58
N ASP B 43 1.63 32.34 25.92
CA ASP B 43 0.43 33.11 26.26
C ASP B 43 -0.53 33.23 25.09
N ALA B 44 -0.05 33.02 23.86
CA ALA B 44 -0.90 33.02 22.67
C ALA B 44 -0.46 31.85 21.80
N THR B 45 -0.97 31.80 20.58
CA THR B 45 -0.60 30.78 19.61
C THR B 45 -0.41 31.43 18.25
N LEU B 46 0.00 30.61 17.27
CA LEU B 46 0.21 31.12 15.93
C LEU B 46 -1.09 31.55 15.26
N SER B 47 -2.24 31.05 15.73
CA SER B 47 -3.51 31.43 15.13
C SER B 47 -3.93 32.84 15.51
N GLN B 48 -3.48 33.35 16.66
CA GLN B 48 -3.90 34.66 17.13
C GLN B 48 -3.48 35.78 16.21
N ILE B 49 -2.63 35.50 15.22
CA ILE B 49 -2.16 36.51 14.28
C ILE B 49 -2.67 36.26 12.87
N THR B 50 -3.51 35.23 12.67
CA THR B 50 -4.06 34.99 11.33
C THR B 50 -4.92 36.15 10.84
N ASN B 51 -5.46 36.95 11.75
CA ASN B 51 -6.22 38.13 11.37
C ASN B 51 -5.34 39.24 10.81
N ASN B 52 -4.02 39.07 10.85
CA ASN B 52 -3.11 40.08 10.33
C ASN B 52 -2.58 39.78 8.93
N ILE B 53 -2.63 38.51 8.50
CA ILE B 53 -2.11 38.09 7.20
C ILE B 53 -3.27 37.56 6.37
N ASP B 54 -3.23 37.83 5.07
CA ASP B 54 -4.27 37.37 4.17
C ASP B 54 -3.94 35.97 3.64
N PRO B 55 -4.95 35.12 3.42
CA PRO B 55 -4.68 33.77 2.91
C PRO B 55 -4.24 33.78 1.45
N VAL B 56 -3.96 32.60 0.90
CA VAL B 56 -3.51 32.48 -0.48
C VAL B 56 -4.69 32.05 -1.35
N GLY B 57 -5.58 31.24 -0.79
CA GLY B 57 -6.76 30.78 -1.50
C GLY B 57 -6.65 29.33 -1.93
N ARG B 58 -7.76 28.83 -2.47
CA ARG B 58 -7.84 27.44 -2.94
C ARG B 58 -7.10 27.33 -4.27
N ILE B 59 -5.78 27.19 -4.17
CA ILE B 59 -4.93 27.08 -5.35
C ILE B 59 -4.88 25.60 -5.76
N GLN B 60 -5.45 25.28 -6.91
CA GLN B 60 -5.47 23.92 -7.42
C GLN B 60 -4.32 23.76 -8.41
N MET B 61 -3.32 22.98 -8.02
CA MET B 61 -2.15 22.72 -8.86
C MET B 61 -2.35 21.44 -9.66
N ARG B 62 -1.90 21.45 -10.90
CA ARG B 62 -2.01 20.30 -11.80
C ARG B 62 -0.63 19.73 -12.08
N THR B 63 -0.61 18.48 -12.51
CA THR B 63 0.63 17.78 -12.84
C THR B 63 1.22 18.37 -14.11
N ARG B 64 2.25 19.18 -13.98
CA ARG B 64 2.93 19.71 -15.16
C ARG B 64 3.75 18.62 -15.85
N ARG B 65 4.45 17.81 -15.07
CA ARG B 65 5.25 16.71 -15.58
C ARG B 65 4.97 15.47 -14.74
N THR B 66 4.63 14.37 -15.42
CA THR B 66 4.43 13.08 -14.75
C THR B 66 5.61 12.18 -15.03
N LEU B 67 5.97 11.37 -14.05
CA LEU B 67 7.14 10.49 -14.12
C LEU B 67 6.68 9.07 -13.83
N ARG B 68 6.25 8.37 -14.87
CA ARG B 68 5.76 6.99 -14.76
C ARG B 68 6.82 6.07 -15.35
N GLY B 69 7.78 5.69 -14.52
CA GLY B 69 8.83 4.79 -14.95
C GLY B 69 9.16 3.69 -13.95
N HIS B 70 8.63 3.82 -12.74
CA HIS B 70 8.93 2.86 -11.69
C HIS B 70 8.09 1.60 -11.85
N LEU B 71 8.67 0.47 -11.46
CA LEU B 71 7.97 -0.80 -11.53
C LEU B 71 7.20 -1.13 -10.25
N ALA B 72 7.68 -0.66 -9.11
CA ALA B 72 7.03 -0.88 -7.82
C ALA B 72 6.64 0.46 -7.21
N LYS B 73 6.12 0.40 -5.99
CA LYS B 73 5.64 1.61 -5.31
C LYS B 73 6.80 2.51 -4.94
N ILE B 74 6.67 3.80 -5.23
CA ILE B 74 7.70 4.78 -4.93
C ILE B 74 7.61 5.13 -3.45
N TYR B 75 8.69 4.90 -2.72
CA TYR B 75 8.71 5.11 -1.28
C TYR B 75 9.45 6.38 -0.85
N ALA B 76 10.44 6.83 -1.62
CA ALA B 76 11.23 7.99 -1.22
C ALA B 76 11.64 8.78 -2.45
N MET B 77 11.92 10.07 -2.24
CA MET B 77 12.43 10.94 -3.28
C MET B 77 13.24 12.05 -2.65
N HIS B 78 13.95 12.79 -3.48
CA HIS B 78 14.71 13.95 -3.04
C HIS B 78 15.00 14.85 -4.24
N TRP B 79 15.13 16.14 -3.97
CA TRP B 79 15.41 17.12 -5.00
C TRP B 79 16.86 17.58 -4.92
N GLY B 80 17.38 18.05 -6.05
CA GLY B 80 18.71 18.61 -6.12
C GLY B 80 18.69 20.12 -6.06
N THR B 81 19.85 20.71 -5.77
CA THR B 81 19.96 22.16 -5.70
C THR B 81 19.75 22.82 -7.06
N ASP B 82 19.90 22.07 -8.15
CA ASP B 82 19.61 22.60 -9.47
C ASP B 82 18.12 22.71 -9.74
N SER B 83 17.28 22.12 -8.88
CA SER B 83 15.82 22.12 -9.03
C SER B 83 15.37 21.49 -10.33
N ARG B 84 16.23 20.70 -10.97
CA ARG B 84 15.93 20.07 -12.25
C ARG B 84 15.89 18.55 -12.15
N LEU B 85 16.92 17.94 -11.57
CA LEU B 85 16.97 16.49 -11.44
C LEU B 85 16.45 16.07 -10.07
N LEU B 86 15.65 15.01 -10.05
CA LEU B 86 15.10 14.49 -8.81
C LEU B 86 15.28 12.98 -8.77
N VAL B 87 15.73 12.47 -7.61
CA VAL B 87 15.93 11.05 -7.42
C VAL B 87 14.69 10.48 -6.75
N SER B 88 14.41 9.20 -7.03
CA SER B 88 13.28 8.52 -6.42
C SER B 88 13.58 7.03 -6.30
N ALA B 89 13.15 6.45 -5.18
CA ALA B 89 13.39 5.04 -4.89
C ALA B 89 12.08 4.28 -4.82
N SER B 90 12.13 3.02 -5.23
CA SER B 90 10.95 2.16 -5.19
C SER B 90 11.38 0.75 -4.80
N GLN B 91 10.39 -0.09 -4.47
CA GLN B 91 10.65 -1.44 -4.00
C GLN B 91 10.95 -2.42 -5.13
N ASP B 92 11.22 -1.93 -6.33
CA ASP B 92 11.54 -2.79 -7.47
C ASP B 92 13.03 -3.02 -7.63
N GLY B 93 13.86 -2.48 -6.74
CA GLY B 93 15.30 -2.58 -6.87
C GLY B 93 15.92 -1.53 -7.77
N LYS B 94 15.14 -0.57 -8.25
CA LYS B 94 15.63 0.49 -9.12
C LYS B 94 15.53 1.84 -8.44
N LEU B 95 16.51 2.69 -8.71
CA LEU B 95 16.54 4.06 -8.22
C LEU B 95 16.56 4.97 -9.44
N ILE B 96 15.45 5.65 -9.70
CA ILE B 96 15.32 6.41 -10.94
C ILE B 96 15.59 7.88 -10.65
N ILE B 97 16.55 8.45 -11.39
CA ILE B 97 16.88 9.87 -11.31
C ILE B 97 16.31 10.51 -12.57
N TRP B 98 15.22 11.26 -12.41
CA TRP B 98 14.52 11.92 -13.50
C TRP B 98 15.02 13.35 -13.68
N ASP B 99 14.76 13.88 -14.87
CA ASP B 99 14.94 15.30 -15.18
C ASP B 99 13.55 15.92 -15.20
N SER B 100 13.19 16.64 -14.14
CA SER B 100 11.84 17.18 -14.01
C SER B 100 11.53 18.24 -15.06
N TYR B 101 12.54 18.81 -15.70
CA TYR B 101 12.28 19.88 -16.67
C TYR B 101 11.81 19.33 -18.01
N THR B 102 12.46 18.29 -18.51
CA THR B 102 12.13 17.73 -19.81
C THR B 102 11.58 16.31 -19.73
N THR B 103 11.33 15.80 -18.52
CA THR B 103 10.71 14.49 -18.31
C THR B 103 11.53 13.37 -18.96
N ASN B 104 12.77 13.21 -18.50
CA ASN B 104 13.64 12.13 -18.95
C ASN B 104 14.35 11.52 -17.75
N LYS B 105 14.33 10.19 -17.67
CA LYS B 105 15.03 9.48 -16.61
C LYS B 105 16.52 9.57 -16.87
N VAL B 106 17.20 10.46 -16.15
CA VAL B 106 18.63 10.67 -16.37
C VAL B 106 19.42 9.43 -15.98
N HIS B 107 19.00 8.74 -14.93
CA HIS B 107 19.74 7.58 -14.45
C HIS B 107 18.79 6.52 -13.91
N ALA B 108 19.26 5.28 -13.96
CA ALA B 108 18.54 4.14 -13.37
C ALA B 108 19.58 3.28 -12.65
N ILE B 109 19.63 3.40 -11.32
CA ILE B 109 20.62 2.71 -10.50
C ILE B 109 20.04 1.36 -10.11
N PRO B 110 20.65 0.24 -10.49
CA PRO B 110 20.20 -1.06 -9.98
C PRO B 110 20.63 -1.28 -8.53
N LEU B 111 19.67 -1.26 -7.62
CA LEU B 111 19.99 -1.32 -6.20
C LEU B 111 20.25 -2.75 -5.76
N ARG B 112 21.09 -2.88 -4.72
CA ARG B 112 21.42 -4.20 -4.21
C ARG B 112 20.21 -4.85 -3.55
N SER B 113 19.37 -4.06 -2.89
CA SER B 113 18.16 -4.55 -2.25
C SER B 113 16.94 -3.89 -2.89
N SER B 114 15.86 -4.65 -3.01
CA SER B 114 14.65 -4.12 -3.63
C SER B 114 13.99 -3.08 -2.74
N TRP B 115 13.72 -3.44 -1.49
CA TRP B 115 12.99 -2.56 -0.57
C TRP B 115 13.92 -1.46 -0.06
N VAL B 116 13.71 -0.24 -0.56
CA VAL B 116 14.45 0.93 -0.11
C VAL B 116 13.45 1.98 0.34
N MET B 117 13.80 2.71 1.40
CA MET B 117 12.87 3.65 2.02
C MET B 117 13.37 5.09 2.05
N THR B 118 14.60 5.36 1.63
CA THR B 118 15.17 6.68 1.77
C THR B 118 15.79 7.14 0.46
N CYS B 119 15.84 8.46 0.30
CA CYS B 119 16.47 9.10 -0.86
C CYS B 119 17.11 10.41 -0.40
N ALA B 120 18.25 10.74 -1.01
CA ALA B 120 18.97 11.95 -0.63
C ALA B 120 19.83 12.37 -1.81
N TYR B 121 19.51 13.51 -2.41
CA TYR B 121 20.30 14.09 -3.49
C TYR B 121 21.41 14.95 -2.88
N ALA B 122 22.63 14.77 -3.37
CA ALA B 122 23.76 15.53 -2.87
C ALA B 122 23.60 17.01 -3.18
N PRO B 123 24.12 17.89 -2.31
CA PRO B 123 24.05 19.33 -2.61
C PRO B 123 24.87 19.75 -3.81
N SER B 124 25.73 18.88 -4.32
CA SER B 124 26.49 19.16 -5.53
C SER B 124 26.01 18.37 -6.74
N GLY B 125 25.02 17.50 -6.55
CA GLY B 125 24.53 16.68 -7.65
C GLY B 125 25.46 15.56 -8.08
N ASN B 126 26.51 15.28 -7.31
CA ASN B 126 27.48 14.26 -7.68
C ASN B 126 27.21 12.92 -7.01
N TYR B 127 26.49 12.89 -5.90
CA TYR B 127 26.23 11.67 -5.15
C TYR B 127 24.74 11.51 -4.92
N VAL B 128 24.37 10.32 -4.47
CA VAL B 128 22.99 10.01 -4.09
C VAL B 128 23.03 8.86 -3.11
N ALA B 129 21.99 8.76 -2.28
CA ALA B 129 21.94 7.77 -1.22
C ALA B 129 20.74 6.85 -1.38
N CYS B 130 20.79 5.73 -0.66
CA CYS B 130 19.72 4.75 -0.66
C CYS B 130 19.64 4.14 0.73
N GLY B 131 18.86 3.06 0.85
CA GLY B 131 18.72 2.39 2.13
C GLY B 131 17.29 1.95 2.41
N GLY B 132 17.16 0.82 3.09
CA GLY B 132 15.85 0.29 3.42
C GLY B 132 15.93 -0.82 4.45
N LEU B 133 15.15 -1.89 4.25
CA LEU B 133 15.22 -3.03 5.16
C LEU B 133 16.55 -3.77 5.08
N ASP B 134 17.42 -3.41 4.14
CA ASP B 134 18.75 -4.00 4.09
C ASP B 134 19.71 -3.40 5.12
N ASN B 135 19.33 -2.27 5.73
CA ASN B 135 20.11 -1.56 6.74
C ASN B 135 21.42 -1.00 6.18
N ILE B 136 21.59 -0.98 4.86
CA ILE B 136 22.80 -0.49 4.23
C ILE B 136 22.45 0.75 3.43
N CYS B 137 23.18 1.85 3.68
CA CYS B 137 22.95 3.12 2.99
C CYS B 137 23.96 3.22 1.86
N SER B 138 23.59 2.62 0.72
CA SER B 138 24.47 2.57 -0.44
C SER B 138 24.51 3.93 -1.12
N ILE B 139 25.69 4.57 -1.10
CA ILE B 139 25.89 5.82 -1.84
C ILE B 139 26.29 5.49 -3.26
N TYR B 140 25.82 6.30 -4.21
CA TYR B 140 26.09 6.07 -5.63
C TYR B 140 26.65 7.34 -6.26
N ASN B 141 27.62 7.17 -7.15
CA ASN B 141 28.19 8.27 -7.89
C ASN B 141 27.32 8.60 -9.09
N LEU B 142 27.01 9.89 -9.27
CA LEU B 142 26.15 10.33 -10.36
C LEU B 142 26.94 10.79 -11.58
N LYS B 143 27.92 11.68 -11.39
CA LYS B 143 28.73 12.21 -12.48
C LYS B 143 30.06 11.49 -12.61
N THR B 144 30.10 10.19 -12.31
CA THR B 144 31.34 9.43 -12.40
C THR B 144 31.77 9.28 -13.85
N ARG B 145 33.08 9.12 -14.05
CA ARG B 145 33.66 8.97 -15.38
C ARG B 145 33.59 7.54 -15.89
N GLU B 146 33.13 6.59 -15.08
CA GLU B 146 33.04 5.19 -15.48
C GLU B 146 31.81 4.89 -16.33
N GLY B 147 31.08 5.92 -16.77
CA GLY B 147 29.89 5.70 -17.57
C GLY B 147 28.65 5.53 -16.73
N ASN B 148 28.22 4.28 -16.51
CA ASN B 148 27.07 4.01 -15.68
C ASN B 148 27.38 4.29 -14.21
N VAL B 149 26.33 4.35 -13.39
CA VAL B 149 26.50 4.62 -11.98
C VAL B 149 27.01 3.37 -11.27
N ARG B 150 27.68 3.57 -10.14
CA ARG B 150 28.22 2.49 -9.33
C ARG B 150 28.11 2.87 -7.86
N VAL B 151 28.29 1.88 -6.99
CA VAL B 151 28.21 2.11 -5.55
C VAL B 151 29.43 2.91 -5.11
N SER B 152 29.19 4.04 -4.43
CA SER B 152 30.28 4.88 -3.95
C SER B 152 30.79 4.39 -2.60
N ARG B 153 29.89 4.09 -1.67
CA ARG B 153 30.28 3.64 -0.35
C ARG B 153 29.13 2.89 0.29
N GLU B 154 29.42 1.76 0.92
CA GLU B 154 28.41 0.94 1.57
C GLU B 154 28.42 1.26 3.06
N LEU B 155 27.48 2.10 3.49
CA LEU B 155 27.39 2.50 4.90
C LEU B 155 26.59 1.44 5.64
N ALA B 156 27.30 0.62 6.43
CA ALA B 156 26.71 -0.51 7.15
C ALA B 156 27.00 -0.33 8.64
N GLY B 157 26.13 0.40 9.33
CA GLY B 157 26.28 0.61 10.75
C GLY B 157 24.97 0.63 11.53
N HIS B 158 23.85 0.42 10.83
CA HIS B 158 22.54 0.48 11.44
C HIS B 158 22.00 -0.93 11.65
N THR B 159 21.40 -1.16 12.82
CA THR B 159 20.80 -2.45 13.15
C THR B 159 19.34 -2.53 12.76
N GLY B 160 18.78 -1.49 12.14
CA GLY B 160 17.40 -1.49 11.72
C GLY B 160 17.25 -0.89 10.34
N TYR B 161 16.01 -0.89 9.85
CA TYR B 161 15.72 -0.34 8.54
C TYR B 161 16.10 1.13 8.47
N LEU B 162 16.56 1.56 7.31
CA LEU B 162 16.95 2.95 7.08
C LEU B 162 15.71 3.71 6.63
N SER B 163 15.20 4.56 7.51
CA SER B 163 13.94 5.25 7.24
C SER B 163 14.16 6.42 6.28
N CYS B 164 15.04 7.35 6.62
CA CYS B 164 15.30 8.49 5.75
C CYS B 164 16.76 8.88 5.87
N CYS B 165 17.25 9.65 4.90
CA CYS B 165 18.62 10.12 4.92
C CYS B 165 18.70 11.46 4.19
N ARG B 166 19.67 12.26 4.60
CA ARG B 166 19.91 13.56 3.99
C ARG B 166 21.40 13.75 3.75
N PHE B 167 21.70 14.59 2.77
CA PHE B 167 23.08 14.87 2.37
C PHE B 167 23.50 16.23 2.88
N LEU B 168 24.70 16.30 3.46
CA LEU B 168 25.31 17.54 3.87
C LEU B 168 26.37 18.04 2.90
N ASP B 169 27.16 17.13 2.34
CA ASP B 169 28.17 17.44 1.34
C ASP B 169 28.55 16.14 0.64
N ASP B 170 29.56 16.19 -0.21
CA ASP B 170 30.07 14.99 -0.87
C ASP B 170 30.97 14.15 0.03
N ASN B 171 31.04 14.48 1.32
CA ASN B 171 31.90 13.78 2.26
C ASN B 171 31.13 13.13 3.40
N GLN B 172 30.16 13.83 3.98
CA GLN B 172 29.39 13.32 5.11
C GLN B 172 27.90 13.50 4.87
N ILE B 173 27.13 12.46 5.20
CA ILE B 173 25.69 12.49 5.14
C ILE B 173 25.14 12.00 6.48
N VAL B 174 23.86 12.25 6.71
CA VAL B 174 23.18 11.84 7.93
C VAL B 174 22.06 10.87 7.56
N THR B 175 21.83 9.86 8.39
CA THR B 175 20.83 8.84 8.14
C THR B 175 20.05 8.59 9.43
N SER B 176 18.73 8.77 9.36
CA SER B 176 17.86 8.36 10.46
C SER B 176 17.23 7.02 10.12
N SER B 177 17.57 5.99 10.88
CA SER B 177 17.16 4.63 10.61
C SER B 177 16.26 4.11 11.73
N GLY B 178 15.68 2.94 11.49
CA GLY B 178 14.76 2.33 12.43
C GLY B 178 15.40 1.69 13.64
N ASP B 179 16.70 1.88 13.84
CA ASP B 179 17.39 1.37 15.02
C ASP B 179 17.38 2.37 16.18
N THR B 180 16.40 3.27 16.21
CA THR B 180 16.21 4.30 17.24
C THR B 180 17.38 5.26 17.34
N THR B 181 18.35 5.20 16.43
CA THR B 181 19.53 6.05 16.48
C THR B 181 19.81 6.60 15.09
N CYS B 182 20.02 7.91 15.01
CA CYS B 182 20.50 8.52 13.78
C CYS B 182 22.02 8.49 13.76
N ALA B 183 22.61 8.63 12.57
CA ALA B 183 24.06 8.56 12.44
C ALA B 183 24.53 9.51 11.35
N LEU B 184 25.53 10.34 11.67
CA LEU B 184 26.16 11.19 10.68
C LEU B 184 27.29 10.41 10.04
N TRP B 185 27.05 9.89 8.84
CA TRP B 185 28.01 9.03 8.16
C TRP B 185 29.14 9.85 7.54
N ASP B 186 30.06 9.17 6.89
CA ASP B 186 31.19 9.81 6.21
C ASP B 186 31.52 8.97 4.99
N ILE B 187 31.34 9.55 3.80
CA ILE B 187 31.51 8.79 2.57
C ILE B 187 32.97 8.43 2.34
N GLU B 188 33.90 9.22 2.90
CA GLU B 188 35.32 8.96 2.70
C GLU B 188 35.76 7.71 3.45
N THR B 189 35.55 7.69 4.77
CA THR B 189 35.98 6.58 5.60
C THR B 189 34.94 5.47 5.72
N GLY B 190 33.68 5.74 5.39
CA GLY B 190 32.65 4.73 5.48
C GLY B 190 32.24 4.35 6.89
N GLN B 191 32.47 5.24 7.86
CA GLN B 191 32.12 4.99 9.25
C GLN B 191 31.35 6.16 9.81
N GLN B 192 30.56 5.88 10.85
CA GLN B 192 29.76 6.93 11.49
C GLN B 192 30.66 7.83 12.32
N THR B 193 30.70 9.12 11.95
CA THR B 193 31.46 10.08 12.75
C THR B 193 30.83 10.27 14.12
N THR B 194 29.54 10.59 14.16
CA THR B 194 28.80 10.72 15.40
C THR B 194 27.47 9.99 15.28
N THR B 195 26.92 9.59 16.43
CA THR B 195 25.67 8.85 16.49
C THR B 195 24.72 9.58 17.44
N PHE B 196 23.60 10.04 16.89
CA PHE B 196 22.56 10.72 17.67
C PHE B 196 21.59 9.69 18.25
N THR B 197 21.77 9.45 19.56
CA THR B 197 20.94 8.50 20.28
C THR B 197 19.95 9.25 21.19
N GLY B 198 18.86 8.57 21.52
CA GLY B 198 17.88 9.15 22.41
C GLY B 198 16.44 8.83 22.05
N HIS B 199 16.20 8.43 20.80
CA HIS B 199 14.85 8.08 20.37
C HIS B 199 14.45 6.74 20.98
N THR B 200 13.21 6.67 21.45
CA THR B 200 12.66 5.43 22.00
C THR B 200 11.98 4.57 20.95
N GLY B 201 11.42 5.19 19.92
CA GLY B 201 10.82 4.45 18.82
C GLY B 201 11.67 4.55 17.56
N ASP B 202 11.42 3.62 16.64
CA ASP B 202 12.17 3.58 15.40
C ASP B 202 11.97 4.88 14.62
N VAL B 203 13.09 5.54 14.29
CA VAL B 203 13.02 6.83 13.61
C VAL B 203 12.40 6.65 12.24
N MET B 204 11.68 7.68 11.78
CA MET B 204 10.96 7.61 10.52
C MET B 204 11.44 8.59 9.47
N SER B 205 11.88 9.79 9.85
CA SER B 205 12.37 10.73 8.86
C SER B 205 13.25 11.76 9.54
N LEU B 206 13.93 12.56 8.73
CA LEU B 206 14.77 13.63 9.23
C LEU B 206 14.97 14.68 8.15
N SER B 207 15.34 15.88 8.57
CA SER B 207 15.54 17.00 7.67
C SER B 207 16.66 17.89 8.17
N LEU B 208 17.30 18.58 7.24
CA LEU B 208 18.42 19.47 7.51
C LEU B 208 17.98 20.93 7.41
N ALA B 209 18.49 21.76 8.30
CA ALA B 209 18.22 23.17 8.24
C ALA B 209 18.98 23.81 7.08
N PRO B 210 18.51 24.95 6.56
CA PRO B 210 19.27 25.63 5.52
C PRO B 210 20.69 25.98 5.92
N ASP B 211 20.94 26.21 7.21
CA ASP B 211 22.30 26.45 7.68
C ASP B 211 23.13 25.17 7.71
N THR B 212 22.49 24.00 7.74
CA THR B 212 23.10 22.68 7.68
C THR B 212 23.87 22.36 8.98
N ARG B 213 23.98 23.30 9.91
CA ARG B 213 24.72 23.06 11.15
C ARG B 213 23.93 22.19 12.11
N LEU B 214 22.60 22.25 12.09
CA LEU B 214 21.77 21.45 12.96
C LEU B 214 20.62 20.86 12.15
N PHE B 215 20.15 19.70 12.58
CA PHE B 215 19.14 18.96 11.85
C PHE B 215 18.10 18.40 12.80
N VAL B 216 16.87 18.26 12.31
CA VAL B 216 15.78 17.73 13.11
C VAL B 216 15.43 16.34 12.59
N SER B 217 14.86 15.51 13.46
CA SER B 217 14.60 14.11 13.13
C SER B 217 13.34 13.66 13.84
N GLY B 218 12.34 13.23 13.07
CA GLY B 218 11.10 12.74 13.63
C GLY B 218 11.07 11.23 13.65
N ALA B 219 10.72 10.68 14.81
CA ALA B 219 10.69 9.24 15.05
C ALA B 219 9.27 8.78 15.29
N CYS B 220 9.12 7.50 15.62
CA CYS B 220 7.81 6.90 15.83
C CYS B 220 7.26 7.16 17.22
N ASP B 221 8.06 7.69 18.15
CA ASP B 221 7.60 7.98 19.50
C ASP B 221 7.06 9.40 19.64
N ALA B 222 6.55 9.97 18.55
CA ALA B 222 5.99 11.32 18.52
C ALA B 222 6.98 12.37 19.00
N SER B 223 8.28 12.11 18.86
CA SER B 223 9.32 13.02 19.31
C SER B 223 10.11 13.49 18.10
N ALA B 224 9.98 14.77 17.77
CA ALA B 224 10.76 15.38 16.71
C ALA B 224 12.00 16.04 17.30
N LYS B 225 13.00 15.21 17.55
CA LYS B 225 14.18 15.65 18.28
C LYS B 225 15.11 16.45 17.38
N LEU B 226 15.58 17.58 17.90
CA LEU B 226 16.53 18.43 17.18
C LEU B 226 17.94 18.17 17.68
N TRP B 227 18.81 17.73 16.79
CA TRP B 227 20.21 17.47 17.09
C TRP B 227 21.09 18.49 16.38
N ASP B 228 22.31 18.63 16.89
CA ASP B 228 23.33 19.49 16.30
C ASP B 228 24.36 18.61 15.62
N VAL B 229 24.62 18.90 14.34
CA VAL B 229 25.55 18.07 13.56
C VAL B 229 26.99 18.25 14.03
N ARG B 230 27.30 19.41 14.61
CA ARG B 230 28.68 19.67 15.05
C ARG B 230 29.03 18.86 16.29
N GLU B 231 28.21 18.96 17.33
CA GLU B 231 28.49 18.27 18.59
C GLU B 231 27.92 16.86 18.65
N GLY B 232 26.93 16.55 17.82
CA GLY B 232 26.36 15.21 17.82
C GLY B 232 25.44 14.89 18.98
N MET B 233 25.04 15.89 19.77
CA MET B 233 24.17 15.68 20.91
C MET B 233 22.73 16.07 20.54
N CYS B 234 21.84 15.99 21.52
CA CYS B 234 20.43 16.34 21.35
C CYS B 234 20.22 17.76 21.84
N ARG B 235 20.00 18.68 20.89
CA ARG B 235 19.75 20.07 21.26
C ARG B 235 18.38 20.23 21.90
N GLN B 236 17.33 19.81 21.20
CA GLN B 236 15.96 19.97 21.67
C GLN B 236 15.16 18.73 21.35
N THR B 237 14.06 18.55 22.08
CA THR B 237 13.15 17.43 21.89
C THR B 237 11.72 17.96 21.81
N PHE B 238 11.01 17.58 20.76
CA PHE B 238 9.64 18.04 20.51
C PHE B 238 8.70 16.83 20.55
N THR B 239 8.11 16.60 21.71
CA THR B 239 7.19 15.48 21.92
C THR B 239 5.73 15.90 21.82
N GLY B 240 5.43 16.93 21.03
CA GLY B 240 4.10 17.46 20.92
C GLY B 240 3.12 16.69 20.07
N HIS B 241 3.58 15.66 19.35
CA HIS B 241 2.71 14.92 18.46
C HIS B 241 1.92 13.85 19.22
N GLU B 242 1.22 13.00 18.47
CA GLU B 242 0.40 11.96 19.05
C GLU B 242 0.70 10.56 18.53
N SER B 243 1.42 10.41 17.43
CA SER B 243 1.68 9.10 16.86
C SER B 243 3.02 9.13 16.14
N ASP B 244 3.28 8.10 15.33
CA ASP B 244 4.53 7.99 14.60
C ASP B 244 4.71 9.15 13.64
N ILE B 245 5.76 9.94 13.85
CA ILE B 245 6.04 11.08 12.97
C ILE B 245 6.71 10.55 11.70
N ASN B 246 5.89 10.25 10.69
CA ASN B 246 6.42 9.63 9.48
C ASN B 246 7.19 10.63 8.62
N ALA B 247 6.85 11.90 8.69
CA ALA B 247 7.50 12.91 7.86
C ALA B 247 7.83 14.13 8.70
N ILE B 248 8.90 14.81 8.30
CA ILE B 248 9.38 15.99 9.03
C ILE B 248 10.25 16.80 8.09
N CYS B 249 10.06 18.13 8.11
CA CYS B 249 10.81 19.00 7.22
C CYS B 249 11.01 20.37 7.85
N PHE B 250 12.25 20.86 7.79
CA PHE B 250 12.61 22.16 8.44
C PHE B 250 12.11 23.35 7.62
N PHE B 251 11.55 24.35 8.31
CA PHE B 251 11.08 25.58 7.70
C PHE B 251 12.22 26.21 6.90
N PRO B 252 11.93 26.87 5.78
CA PRO B 252 12.99 27.55 5.03
C PRO B 252 13.72 28.62 5.84
N ASN B 253 13.10 29.14 6.90
CA ASN B 253 13.78 30.09 7.79
C ASN B 253 14.94 29.41 8.50
N GLY B 254 14.73 28.20 8.99
CA GLY B 254 15.75 27.46 9.71
C GLY B 254 15.52 27.37 11.21
N ASN B 255 14.52 28.07 11.74
CA ASN B 255 14.22 28.05 13.16
C ASN B 255 12.92 27.34 13.47
N ALA B 256 12.22 26.81 12.47
CA ALA B 256 10.99 26.07 12.67
C ALA B 256 10.99 24.85 11.76
N PHE B 257 10.01 23.98 11.96
CA PHE B 257 9.89 22.78 11.16
C PHE B 257 8.52 22.16 11.35
N ALA B 258 7.98 21.59 10.28
CA ALA B 258 6.70 20.90 10.31
C ALA B 258 6.91 19.40 10.42
N THR B 259 5.95 18.73 11.05
CA THR B 259 6.01 17.31 11.31
C THR B 259 4.65 16.70 11.02
N GLY B 260 4.62 15.75 10.09
CA GLY B 260 3.41 15.00 9.81
C GLY B 260 3.49 13.59 10.35
N SER B 261 2.58 13.25 11.26
CA SER B 261 2.58 11.96 11.94
C SER B 261 1.42 11.11 11.46
N ASP B 262 1.24 9.97 12.11
CA ASP B 262 0.20 9.01 11.76
C ASP B 262 -1.18 9.40 12.27
N ASP B 263 -1.30 10.52 12.98
CA ASP B 263 -2.57 10.96 13.54
C ASP B 263 -3.34 11.90 12.62
N ALA B 264 -2.97 11.96 11.34
CA ALA B 264 -3.62 12.79 10.33
C ALA B 264 -3.53 14.28 10.65
N THR B 265 -2.64 14.67 11.57
CA THR B 265 -2.47 16.06 11.95
C THR B 265 -1.00 16.43 11.84
N CYS B 266 -0.72 17.55 11.18
CA CYS B 266 0.62 18.11 11.11
C CYS B 266 0.81 19.14 12.21
N ARG B 267 2.04 19.25 12.71
CA ARG B 267 2.35 20.17 13.79
C ARG B 267 3.59 20.97 13.42
N LEU B 268 3.51 22.29 13.59
CA LEU B 268 4.61 23.19 13.28
C LEU B 268 5.30 23.58 14.58
N PHE B 269 6.50 23.03 14.82
CA PHE B 269 7.29 23.37 15.98
C PHE B 269 8.33 24.43 15.61
N ASP B 270 8.84 25.12 16.62
CA ASP B 270 9.87 26.14 16.44
C ASP B 270 11.04 25.84 17.36
N LEU B 271 12.25 26.03 16.83
CA LEU B 271 13.45 25.70 17.59
C LEU B 271 13.62 26.63 18.79
N ARG B 272 13.60 27.94 18.55
CA ARG B 272 13.81 28.89 19.64
C ARG B 272 12.63 28.90 20.61
N ALA B 273 11.43 28.56 20.14
CA ALA B 273 10.28 28.50 21.03
C ALA B 273 10.21 27.18 21.78
N ASP B 274 10.78 26.11 21.20
CA ASP B 274 10.79 24.78 21.82
C ASP B 274 9.39 24.29 22.15
N GLN B 275 8.45 24.54 21.23
CA GLN B 275 7.09 24.09 21.42
C GLN B 275 6.36 24.13 20.07
N GLU B 276 5.13 23.64 20.07
CA GLU B 276 4.32 23.61 18.86
C GLU B 276 3.68 24.97 18.63
N LEU B 277 3.73 25.44 17.38
CA LEU B 277 3.15 26.73 17.02
C LEU B 277 1.73 26.60 16.48
N MET B 278 1.51 25.63 15.57
CA MET B 278 0.21 25.46 14.96
C MET B 278 -0.04 23.98 14.70
N THR B 279 -1.32 23.61 14.72
CA THR B 279 -1.77 22.25 14.46
C THR B 279 -2.73 22.27 13.27
N TYR B 280 -2.33 21.63 12.18
CA TYR B 280 -3.14 21.60 10.96
C TYR B 280 -4.07 20.38 10.98
N SER B 281 -5.07 20.49 11.85
CA SER B 281 -6.05 19.42 12.04
C SER B 281 -7.24 19.63 11.13
N HIS B 282 -7.89 18.52 10.77
CA HIS B 282 -9.08 18.56 9.93
C HIS B 282 -9.89 17.30 10.18
N ASP B 283 -11.21 17.46 10.34
CA ASP B 283 -12.07 16.32 10.63
C ASP B 283 -12.27 15.43 9.40
N ASN B 284 -12.12 16.00 8.20
CA ASN B 284 -12.35 15.22 6.98
C ASN B 284 -11.30 14.15 6.76
N ILE B 285 -10.12 14.27 7.38
CA ILE B 285 -9.03 13.33 7.21
C ILE B 285 -8.82 12.55 8.51
N ILE B 286 -8.62 11.24 8.38
CA ILE B 286 -8.41 10.37 9.52
C ILE B 286 -7.16 9.51 9.37
N CYS B 287 -6.41 9.66 8.28
CA CYS B 287 -5.24 8.86 8.00
C CYS B 287 -3.98 9.72 8.07
N GLY B 288 -2.92 9.17 8.63
CA GLY B 288 -1.73 9.94 8.92
C GLY B 288 -0.99 10.40 7.68
N ILE B 289 0.00 11.28 7.93
CA ILE B 289 0.84 11.84 6.89
C ILE B 289 2.12 11.03 6.79
N THR B 290 2.63 10.89 5.58
CA THR B 290 3.87 10.18 5.33
C THR B 290 4.90 10.99 4.55
N SER B 291 4.56 12.20 4.13
CA SER B 291 5.45 13.02 3.32
C SER B 291 5.11 14.48 3.57
N VAL B 292 6.10 15.26 3.99
CA VAL B 292 5.90 16.65 4.39
C VAL B 292 7.11 17.46 3.97
N SER B 293 6.87 18.61 3.35
CA SER B 293 7.92 19.58 3.06
C SER B 293 7.30 20.94 2.86
N PHE B 294 8.12 21.98 3.01
CA PHE B 294 7.68 23.36 2.88
C PHE B 294 8.00 23.91 1.51
N SER B 295 7.32 25.00 1.14
CA SER B 295 7.56 25.68 -0.11
C SER B 295 8.79 26.59 0.03
N LYS B 296 9.00 27.47 -0.95
CA LYS B 296 10.14 28.39 -0.88
C LYS B 296 9.97 29.38 0.26
N SER B 297 8.76 29.93 0.41
CA SER B 297 8.50 30.91 1.46
C SER B 297 8.14 30.25 2.79
N GLY B 298 7.73 28.98 2.77
CA GLY B 298 7.30 28.30 3.97
C GLY B 298 5.85 28.52 4.34
N ARG B 299 5.14 29.41 3.64
CA ARG B 299 3.74 29.63 3.93
C ARG B 299 2.90 28.42 3.54
N LEU B 300 3.29 27.74 2.46
CA LEU B 300 2.59 26.55 2.01
C LEU B 300 3.29 25.30 2.54
N LEU B 301 2.55 24.47 3.25
CA LEU B 301 3.06 23.21 3.80
C LEU B 301 2.43 22.07 3.00
N LEU B 302 3.25 21.38 2.23
CA LEU B 302 2.80 20.22 1.49
C LEU B 302 2.84 18.99 2.40
N ALA B 303 1.68 18.38 2.64
CA ALA B 303 1.59 17.21 3.51
C ALA B 303 0.94 16.08 2.73
N GLY B 304 1.67 14.97 2.58
CA GLY B 304 1.13 13.82 1.87
C GLY B 304 0.41 12.85 2.78
N TYR B 305 -0.91 12.94 2.83
CA TYR B 305 -1.70 12.09 3.70
C TYR B 305 -1.85 10.70 3.09
N ASP B 306 -2.36 9.76 3.89
CA ASP B 306 -2.52 8.38 3.44
C ASP B 306 -3.81 8.16 2.65
N ASP B 307 -4.55 9.23 2.35
CA ASP B 307 -5.80 9.14 1.60
C ASP B 307 -5.61 9.36 0.11
N PHE B 308 -4.45 9.01 -0.44
CA PHE B 308 -4.13 9.15 -1.86
C PHE B 308 -4.18 10.61 -2.33
N ASN B 309 -4.10 11.57 -1.41
CA ASN B 309 -4.12 12.97 -1.77
C ASN B 309 -3.00 13.69 -1.02
N CYS B 310 -2.72 14.91 -1.47
CA CYS B 310 -1.70 15.77 -0.87
C CYS B 310 -2.36 17.11 -0.55
N ASN B 311 -2.22 17.53 0.71
CA ASN B 311 -2.85 18.78 1.14
C ASN B 311 -1.81 19.88 1.25
N VAL B 312 -2.02 20.96 0.50
CA VAL B 312 -1.28 22.21 0.68
C VAL B 312 -2.00 22.97 1.79
N TRP B 313 -1.36 23.09 2.94
CA TRP B 313 -1.91 23.83 4.08
C TRP B 313 -1.29 25.22 4.14
N ASP B 314 -2.07 26.18 4.63
CA ASP B 314 -1.56 27.51 4.91
C ASP B 314 -0.84 27.44 6.26
N ALA B 315 0.50 27.38 6.23
CA ALA B 315 1.27 27.18 7.44
C ALA B 315 1.15 28.33 8.43
N LEU B 316 0.50 29.44 8.05
CA LEU B 316 0.30 30.57 8.95
C LEU B 316 -1.16 30.88 9.21
N LYS B 317 -2.10 30.30 8.46
CA LYS B 317 -3.52 30.54 8.66
C LYS B 317 -4.26 29.32 9.23
N ALA B 318 -3.58 28.19 9.37
CA ALA B 318 -4.15 26.97 9.98
C ALA B 318 -5.35 26.47 9.19
N ASP B 319 -5.20 26.39 7.88
CA ASP B 319 -6.22 25.82 7.01
C ASP B 319 -5.57 25.35 5.73
N ARG B 320 -6.14 24.30 5.14
CA ARG B 320 -5.57 23.71 3.93
C ARG B 320 -5.86 24.62 2.73
N ALA B 321 -4.80 25.01 2.02
CA ALA B 321 -4.92 25.85 0.85
C ALA B 321 -5.33 25.06 -0.40
N GLY B 322 -5.35 23.73 -0.32
CA GLY B 322 -5.83 22.95 -1.45
C GLY B 322 -5.51 21.47 -1.42
N VAL B 323 -6.46 20.64 -1.85
CA VAL B 323 -6.28 19.20 -1.94
C VAL B 323 -5.91 18.85 -3.37
N LEU B 324 -4.95 17.93 -3.53
CA LEU B 324 -4.46 17.54 -4.84
C LEU B 324 -5.05 16.19 -5.24
N ALA B 325 -5.58 16.12 -6.46
CA ALA B 325 -6.06 14.87 -7.03
C ALA B 325 -4.88 14.06 -7.57
N GLY B 326 -5.15 13.06 -8.40
CA GLY B 326 -4.08 12.31 -9.02
C GLY B 326 -3.83 10.95 -8.42
N HIS B 327 -2.81 10.85 -7.56
CA HIS B 327 -2.36 9.60 -6.96
C HIS B 327 -3.53 8.75 -6.49
N ASP B 328 -3.52 7.47 -6.87
CA ASP B 328 -4.54 6.53 -6.45
C ASP B 328 -4.13 5.71 -5.24
N ASN B 329 -2.85 5.69 -4.89
CA ASN B 329 -2.33 4.95 -3.75
C ASN B 329 -1.72 5.93 -2.75
N ARG B 330 -1.19 5.38 -1.66
CA ARG B 330 -0.60 6.19 -0.61
C ARG B 330 0.59 6.98 -1.14
N VAL B 331 0.54 8.30 -0.99
CA VAL B 331 1.67 9.15 -1.33
C VAL B 331 2.70 9.04 -0.21
N SER B 332 3.85 8.44 -0.53
CA SER B 332 4.84 8.12 0.48
C SER B 332 6.00 9.10 0.53
N CYS B 333 6.21 9.90 -0.53
CA CYS B 333 7.33 10.82 -0.57
C CYS B 333 6.92 12.12 -1.22
N LEU B 334 7.58 13.21 -0.81
CA LEU B 334 7.25 14.54 -1.29
C LEU B 334 8.50 15.40 -1.23
N GLY B 335 8.68 16.24 -2.24
CA GLY B 335 9.84 17.13 -2.26
C GLY B 335 9.59 18.43 -2.97
N VAL B 336 9.91 19.54 -2.32
CA VAL B 336 9.83 20.87 -2.91
C VAL B 336 11.25 21.36 -3.15
N THR B 337 11.49 21.91 -4.33
CA THR B 337 12.81 22.39 -4.69
C THR B 337 13.27 23.50 -3.73
N ASP B 338 14.59 23.71 -3.69
CA ASP B 338 15.15 24.72 -2.80
C ASP B 338 14.70 26.14 -3.19
N ASP B 339 14.25 26.35 -4.42
CA ASP B 339 13.66 27.61 -4.81
C ASP B 339 12.14 27.55 -4.89
N GLY B 340 11.54 26.42 -4.51
CA GLY B 340 10.10 26.30 -4.51
C GLY B 340 9.45 26.32 -5.87
N MET B 341 10.15 25.84 -6.89
CA MET B 341 9.61 25.88 -8.25
C MET B 341 8.42 24.95 -8.41
N ALA B 342 8.59 23.67 -8.07
CA ALA B 342 7.53 22.70 -8.22
C ALA B 342 7.68 21.60 -7.18
N VAL B 343 6.54 21.08 -6.72
CA VAL B 343 6.52 20.03 -5.70
C VAL B 343 6.28 18.69 -6.38
N ALA B 344 7.21 17.76 -6.17
CA ALA B 344 7.14 16.41 -6.73
C ALA B 344 6.61 15.47 -5.67
N THR B 345 5.49 14.81 -5.94
CA THR B 345 4.88 13.87 -5.02
C THR B 345 4.94 12.47 -5.60
N GLY B 346 5.53 11.54 -4.86
CA GLY B 346 5.63 10.15 -5.27
C GLY B 346 4.81 9.27 -4.35
N SER B 347 3.89 8.53 -4.96
CA SER B 347 2.95 7.67 -4.25
C SER B 347 3.29 6.21 -4.47
N TRP B 348 2.43 5.35 -3.94
CA TRP B 348 2.62 3.91 -4.04
C TRP B 348 2.06 3.33 -5.33
N ASP B 349 1.77 4.17 -6.33
CA ASP B 349 1.33 3.71 -7.64
C ASP B 349 2.42 3.87 -8.70
N SER B 350 3.69 3.92 -8.28
CA SER B 350 4.83 4.01 -9.19
C SER B 350 4.79 5.28 -10.04
N PHE B 351 4.16 6.33 -9.54
CA PHE B 351 4.03 7.59 -10.27
C PHE B 351 4.62 8.73 -9.45
N LEU B 352 5.11 9.75 -10.16
CA LEU B 352 5.66 10.96 -9.57
C LEU B 352 4.97 12.16 -10.24
N LYS B 353 4.00 12.73 -9.55
CA LYS B 353 3.27 13.89 -10.09
C LYS B 353 3.95 15.17 -9.62
N ILE B 354 4.32 16.02 -10.56
CA ILE B 354 5.01 17.26 -10.23
C ILE B 354 4.02 18.41 -10.40
N TRP B 355 3.52 18.91 -9.28
CA TRP B 355 2.58 20.03 -9.25
C TRP B 355 3.33 21.35 -9.18
N ASN B 356 2.67 22.40 -9.65
CA ASN B 356 3.25 23.73 -9.63
C ASN B 356 2.17 24.81 -9.59
N ASN C 5 18.95 -4.91 35.06
CA ASN C 5 18.22 -3.65 35.15
C ASN C 5 19.14 -2.48 34.84
N THR C 6 20.43 -2.76 34.65
CA THR C 6 21.38 -1.70 34.34
C THR C 6 21.13 -1.08 32.98
N ALA C 7 20.52 -1.83 32.05
CA ALA C 7 20.20 -1.26 30.75
C ALA C 7 19.14 -0.17 30.86
N SER C 8 18.05 -0.45 31.58
CA SER C 8 17.05 0.57 31.83
C SER C 8 17.62 1.71 32.66
N ILE C 9 18.54 1.40 33.58
CA ILE C 9 19.20 2.43 34.37
C ILE C 9 19.94 3.41 33.45
N ALA C 10 20.75 2.87 32.53
CA ALA C 10 21.49 3.73 31.62
C ALA C 10 20.56 4.48 30.68
N GLN C 11 19.49 3.83 30.22
CA GLN C 11 18.52 4.50 29.35
C GLN C 11 17.89 5.69 30.05
N ALA C 12 17.40 5.49 31.27
CA ALA C 12 16.81 6.59 32.02
C ALA C 12 17.85 7.65 32.38
N ARG C 13 19.10 7.25 32.57
CA ARG C 13 20.16 8.23 32.84
C ARG C 13 20.37 9.14 31.64
N LYS C 14 20.49 8.56 30.45
CA LYS C 14 20.61 9.38 29.24
C LYS C 14 19.37 10.21 29.01
N LEU C 15 18.19 9.68 29.36
CA LEU C 15 16.96 10.44 29.20
C LEU C 15 16.94 11.66 30.10
N VAL C 16 17.31 11.48 31.38
CA VAL C 16 17.31 12.61 32.30
C VAL C 16 18.42 13.59 31.97
N GLU C 17 19.53 13.11 31.38
CA GLU C 17 20.58 14.01 30.95
C GLU C 17 20.11 14.87 29.77
N GLN C 18 19.40 14.25 28.82
CA GLN C 18 18.83 15.02 27.72
C GLN C 18 17.80 16.01 28.21
N LEU C 19 17.01 15.62 29.22
CA LEU C 19 16.02 16.53 29.78
C LEU C 19 16.70 17.72 30.47
N LYS C 20 17.80 17.46 31.20
CA LYS C 20 18.54 18.55 31.83
C LYS C 20 19.17 19.46 30.78
N MET C 21 19.66 18.89 29.68
CA MET C 21 20.24 19.71 28.61
C MET C 21 19.17 20.56 27.94
N GLU C 22 17.97 20.01 27.76
CA GLU C 22 16.88 20.76 27.14
C GLU C 22 16.25 21.77 28.10
N ALA C 23 16.43 21.60 29.41
CA ALA C 23 15.85 22.55 30.36
C ALA C 23 16.60 23.87 30.36
N ASN C 24 17.92 23.83 30.18
CA ASN C 24 18.75 25.04 30.21
C ASN C 24 18.99 25.55 28.80
N ILE C 25 17.88 25.96 28.17
CA ILE C 25 17.91 26.54 26.82
C ILE C 25 17.17 27.86 26.85
N ASP C 26 17.36 28.64 25.78
CA ASP C 26 16.71 29.94 25.64
C ASP C 26 15.39 29.76 24.90
N ARG C 27 14.29 29.72 25.65
CA ARG C 27 12.96 29.56 25.08
C ARG C 27 12.36 30.94 24.85
N ILE C 28 12.24 31.33 23.57
CA ILE C 28 11.65 32.62 23.23
C ILE C 28 10.14 32.54 23.31
N LYS C 29 9.49 33.71 23.30
CA LYS C 29 8.05 33.77 23.34
C LYS C 29 7.46 33.26 22.02
N VAL C 30 6.30 32.60 22.13
CA VAL C 30 5.63 32.09 20.94
C VAL C 30 5.22 33.22 20.01
N SER C 31 4.92 34.39 20.57
CA SER C 31 4.56 35.53 19.72
C SER C 31 5.74 35.98 18.88
N LYS C 32 6.93 36.05 19.47
CA LYS C 32 8.12 36.43 18.71
C LYS C 32 8.43 35.41 17.63
N ALA C 33 8.27 34.12 17.93
CA ALA C 33 8.51 33.09 16.93
C ALA C 33 7.52 33.17 15.78
N ALA C 34 6.24 33.37 16.10
CA ALA C 34 5.24 33.51 15.05
C ALA C 34 5.49 34.75 14.22
N ALA C 35 5.91 35.85 14.85
CA ALA C 35 6.21 37.07 14.10
C ALA C 35 7.41 36.87 13.19
N ASP C 36 8.43 36.15 13.66
CA ASP C 36 9.60 35.86 12.82
C ASP C 36 9.19 35.01 11.62
N LEU C 37 8.39 33.97 11.86
CA LEU C 37 7.94 33.12 10.76
C LEU C 37 7.11 33.91 9.76
N MET C 38 6.21 34.77 10.25
CA MET C 38 5.36 35.56 9.35
C MET C 38 6.19 36.56 8.56
N ALA C 39 7.21 37.16 9.19
CA ALA C 39 8.08 38.09 8.48
C ALA C 39 8.88 37.37 7.41
N TYR C 40 9.41 36.19 7.72
CA TYR C 40 10.12 35.41 6.71
C TYR C 40 9.19 35.05 5.55
N CYS C 41 7.96 34.65 5.85
CA CYS C 41 7.02 34.29 4.79
C CYS C 41 6.70 35.49 3.92
N GLU C 42 6.36 36.62 4.53
CA GLU C 42 6.01 37.81 3.76
C GLU C 42 7.20 38.40 3.01
N ALA C 43 8.42 38.14 3.47
CA ALA C 43 9.61 38.57 2.73
C ALA C 43 9.99 37.59 1.63
N HIS C 44 9.53 36.34 1.72
CA HIS C 44 9.79 35.35 0.68
C HIS C 44 8.55 35.00 -0.14
N ALA C 45 7.42 35.68 0.09
CA ALA C 45 6.21 35.36 -0.65
C ALA C 45 6.22 35.93 -2.06
N LYS C 46 6.88 37.06 -2.27
CA LYS C 46 6.89 37.68 -3.59
C LYS C 46 7.74 36.93 -4.60
N GLU C 47 8.56 35.98 -4.16
CA GLU C 47 9.38 35.18 -5.06
C GLU C 47 9.09 33.69 -4.98
N ASP C 48 8.09 33.28 -4.19
CA ASP C 48 7.75 31.87 -4.06
C ASP C 48 6.87 31.45 -5.23
N PRO C 49 7.33 30.54 -6.10
CA PRO C 49 6.48 30.12 -7.23
C PRO C 49 5.27 29.30 -6.81
N LEU C 50 5.28 28.69 -5.62
CA LEU C 50 4.14 27.90 -5.19
C LEU C 50 3.04 28.75 -4.57
N LEU C 51 3.41 29.80 -3.84
CA LEU C 51 2.42 30.67 -3.22
C LEU C 51 1.66 31.47 -4.28
N THR C 52 2.37 32.30 -5.02
CA THR C 52 1.75 33.12 -6.07
C THR C 52 1.72 32.34 -7.39
N PRO C 53 0.64 32.47 -8.16
CA PRO C 53 0.56 31.77 -9.44
C PRO C 53 1.62 32.25 -10.43
N VAL C 54 2.59 31.38 -10.73
CA VAL C 54 3.68 31.73 -11.62
C VAL C 54 3.29 31.39 -13.05
N PRO C 55 3.47 32.31 -14.00
CA PRO C 55 3.14 32.01 -15.40
C PRO C 55 4.15 31.05 -16.01
N ALA C 56 3.77 30.53 -17.19
CA ALA C 56 4.62 29.57 -17.90
C ALA C 56 5.85 30.21 -18.51
N SER C 57 6.03 31.53 -18.38
CA SER C 57 7.19 32.18 -18.95
C SER C 57 8.47 31.78 -18.21
N GLU C 58 8.53 32.08 -16.91
CA GLU C 58 9.70 31.74 -16.11
C GLU C 58 9.62 30.36 -15.49
N ASN C 59 8.42 29.82 -15.30
CA ASN C 59 8.26 28.50 -14.73
C ASN C 59 8.63 27.43 -15.75
N PRO C 60 9.66 26.62 -15.52
CA PRO C 60 10.06 25.60 -16.49
C PRO C 60 9.19 24.35 -16.48
N PHE C 61 8.05 24.36 -15.79
CA PHE C 61 7.16 23.21 -15.74
C PHE C 61 5.86 23.39 -16.51
N ARG C 62 5.27 24.58 -16.45
CA ARG C 62 4.02 24.84 -17.17
C ARG C 62 4.29 25.14 -18.64
N GLN D 23 2.21 15.80 24.75
CA GLN D 23 3.13 14.74 25.14
C GLN D 23 2.37 13.43 25.39
N VAL D 24 2.69 12.41 24.60
CA VAL D 24 2.02 11.12 24.72
C VAL D 24 2.51 10.46 26.02
N GLN D 25 1.63 10.39 27.01
CA GLN D 25 1.97 9.77 28.29
C GLN D 25 0.80 8.92 28.77
N LEU D 26 1.11 7.80 29.40
CA LEU D 26 0.11 6.88 29.94
C LEU D 26 0.55 6.47 31.34
N GLN D 27 -0.25 6.82 32.33
CA GLN D 27 0.03 6.50 33.74
C GLN D 27 -0.95 5.42 34.17
N GLU D 28 -0.45 4.20 34.36
CA GLU D 28 -1.28 3.06 34.77
C GLU D 28 -1.19 2.90 36.27
N SER D 29 -2.13 3.53 36.98
CA SER D 29 -2.20 3.41 38.42
C SER D 29 -3.01 2.18 38.82
N GLY D 30 -2.86 1.79 40.09
CA GLY D 30 -3.51 0.60 40.60
C GLY D 30 -2.52 -0.49 40.93
N GLY D 31 -2.97 -1.74 40.91
CA GLY D 31 -2.09 -2.88 41.11
C GLY D 31 -1.52 -2.93 42.52
N GLY D 32 -0.64 -3.89 42.72
CA GLY D 32 0.02 -4.08 43.98
C GLY D 32 0.16 -5.56 44.29
N LEU D 33 0.28 -5.86 45.58
CA LEU D 33 0.39 -7.23 46.07
C LEU D 33 -0.98 -7.67 46.57
N VAL D 34 -1.68 -8.47 45.77
CA VAL D 34 -3.01 -8.94 46.10
C VAL D 34 -3.01 -10.46 46.16
N GLN D 35 -4.04 -11.00 46.82
CA GLN D 35 -4.16 -12.44 46.92
C GLN D 35 -4.61 -13.02 45.58
N PRO D 36 -4.04 -14.14 45.15
CA PRO D 36 -4.45 -14.74 43.88
C PRO D 36 -5.89 -15.24 43.95
N GLY D 37 -6.67 -14.89 42.93
CA GLY D 37 -8.07 -15.22 42.88
C GLY D 37 -9.02 -14.11 43.29
N GLY D 38 -8.50 -12.96 43.71
CA GLY D 38 -9.33 -11.86 44.12
C GLY D 38 -9.75 -10.97 42.98
N SER D 39 -9.65 -9.65 43.18
CA SER D 39 -10.02 -8.68 42.16
C SER D 39 -9.03 -7.53 42.17
N LEU D 40 -8.94 -6.85 41.02
CA LEU D 40 -8.03 -5.72 40.87
C LEU D 40 -8.54 -4.84 39.76
N ARG D 41 -8.14 -3.56 39.79
CA ARG D 41 -8.53 -2.61 38.76
C ARG D 41 -7.34 -1.72 38.42
N LEU D 42 -6.92 -1.78 37.16
CA LEU D 42 -5.83 -0.95 36.65
C LEU D 42 -6.43 0.20 35.87
N SER D 43 -6.07 1.43 36.24
CA SER D 43 -6.61 2.63 35.62
C SER D 43 -5.48 3.33 34.86
N CYS D 44 -5.56 3.31 33.53
CA CYS D 44 -4.59 3.96 32.66
C CYS D 44 -5.13 5.33 32.29
N ALA D 45 -4.60 6.37 32.94
CA ALA D 45 -4.85 7.75 32.54
C ALA D 45 -3.91 8.05 31.38
N ALA D 46 -4.50 8.15 30.18
CA ALA D 46 -3.74 8.35 28.95
C ALA D 46 -3.96 9.78 28.49
N SER D 47 -2.96 10.63 28.68
CA SER D 47 -3.04 12.03 28.31
C SER D 47 -2.02 12.35 27.24
N GLY D 48 -2.36 13.32 26.40
CA GLY D 48 -1.50 13.74 25.30
C GLY D 48 -2.01 13.36 23.92
N PHE D 49 -3.12 12.64 23.83
CA PHE D 49 -3.68 12.25 22.54
C PHE D 49 -5.18 12.05 22.67
N THR D 50 -5.85 11.98 21.53
CA THR D 50 -7.29 11.74 21.48
C THR D 50 -7.56 10.29 21.86
N PHE D 51 -8.07 10.07 23.07
CA PHE D 51 -8.30 8.72 23.56
C PHE D 51 -9.38 8.00 22.76
N SER D 52 -10.28 8.74 22.14
CA SER D 52 -11.41 8.16 21.41
C SER D 52 -11.05 7.76 19.98
N ASN D 53 -9.77 7.72 19.62
CA ASN D 53 -9.36 7.37 18.27
C ASN D 53 -8.28 6.30 18.21
N TYR D 54 -7.67 5.93 19.32
CA TYR D 54 -6.59 4.95 19.34
C TYR D 54 -7.07 3.63 19.93
N LYS D 55 -6.64 2.52 19.34
CA LYS D 55 -7.00 1.19 19.80
C LYS D 55 -6.19 0.86 21.04
N MET D 56 -6.68 1.33 22.18
CA MET D 56 -5.98 1.13 23.45
C MET D 56 -5.97 -0.35 23.81
N ASN D 57 -4.88 -0.79 24.45
CA ASN D 57 -4.75 -2.19 24.83
C ASN D 57 -3.77 -2.31 25.98
N TRP D 58 -3.90 -3.41 26.73
CA TRP D 58 -3.05 -3.73 27.86
C TRP D 58 -2.11 -4.89 27.48
N VAL D 59 -0.82 -4.72 27.75
CA VAL D 59 0.18 -5.73 27.43
C VAL D 59 1.04 -5.97 28.66
N ARG D 60 1.12 -7.21 29.12
CA ARG D 60 1.88 -7.53 30.31
C ARG D 60 3.24 -8.11 29.95
N GLN D 61 4.17 -7.97 30.89
CA GLN D 61 5.51 -8.54 30.79
C GLN D 61 5.79 -9.31 32.06
N ALA D 62 5.97 -10.62 31.94
CA ALA D 62 6.27 -11.44 33.11
C ALA D 62 7.73 -11.28 33.50
N PRO D 63 8.04 -11.37 34.79
CA PRO D 63 9.45 -11.27 35.22
C PRO D 63 10.28 -12.40 34.62
N GLY D 64 11.22 -12.02 33.76
CA GLY D 64 12.05 -12.96 33.05
C GLY D 64 11.57 -13.30 31.65
N LYS D 65 10.31 -13.02 31.34
CA LYS D 65 9.73 -13.29 30.03
C LYS D 65 9.48 -11.99 29.29
N GLY D 66 9.21 -12.13 27.99
CA GLY D 66 8.94 -10.98 27.15
C GLY D 66 7.57 -10.38 27.41
N LEU D 67 7.29 -9.29 26.70
CA LEU D 67 6.01 -8.60 26.84
C LEU D 67 4.94 -9.35 26.09
N GLU D 68 3.92 -9.81 26.81
CA GLU D 68 2.82 -10.57 26.25
C GLU D 68 1.55 -9.73 26.24
N TRP D 69 0.93 -9.62 25.07
CA TRP D 69 -0.32 -8.88 24.95
C TRP D 69 -1.41 -9.55 25.76
N VAL D 70 -2.12 -8.75 26.57
CA VAL D 70 -3.15 -9.25 27.48
C VAL D 70 -4.55 -8.99 26.93
N SER D 71 -4.89 -7.74 26.68
CA SER D 71 -6.25 -7.38 26.29
C SER D 71 -6.20 -6.22 25.31
N ASP D 72 -7.30 -6.04 24.58
CA ASP D 72 -7.39 -4.98 23.59
C ASP D 72 -8.85 -4.55 23.48
N ILE D 73 -9.04 -3.28 23.11
CA ILE D 73 -10.37 -2.72 22.92
C ILE D 73 -10.33 -1.80 21.70
N SER D 74 -11.47 -1.70 21.01
CA SER D 74 -11.54 -0.89 19.80
C SER D 74 -11.55 0.60 20.15
N GLN D 75 -11.70 1.43 19.12
CA GLN D 75 -11.73 2.87 19.32
C GLN D 75 -12.96 3.32 20.07
N SER D 76 -14.03 2.54 20.06
CA SER D 76 -15.25 2.87 20.77
C SER D 76 -15.62 1.86 21.85
N GLY D 77 -15.21 0.60 21.71
CA GLY D 77 -15.51 -0.41 22.71
C GLY D 77 -16.22 -1.61 22.13
N ALA D 78 -16.16 -1.78 20.80
CA ALA D 78 -16.82 -2.88 20.13
C ALA D 78 -15.91 -4.10 20.03
N SER D 79 -14.74 -3.95 19.40
CA SER D 79 -13.81 -5.05 19.20
C SER D 79 -13.01 -5.26 20.48
N ILE D 80 -13.67 -5.89 21.46
CA ILE D 80 -13.05 -6.21 22.73
C ILE D 80 -12.48 -7.63 22.65
N SER D 81 -11.19 -7.76 22.94
CA SER D 81 -10.52 -9.05 22.87
C SER D 81 -9.46 -9.14 23.96
N TYR D 82 -9.25 -10.36 24.47
CA TYR D 82 -8.24 -10.63 25.47
C TYR D 82 -7.41 -11.82 25.02
N THR D 83 -6.25 -11.99 25.65
CA THR D 83 -5.44 -13.16 25.38
C THR D 83 -6.04 -14.38 26.06
N GLY D 84 -5.62 -15.56 25.60
CA GLY D 84 -6.15 -16.80 26.14
C GLY D 84 -5.87 -17.01 27.61
N SER D 85 -4.80 -16.40 28.14
CA SER D 85 -4.50 -16.55 29.56
C SER D 85 -5.50 -15.80 30.43
N VAL D 86 -6.09 -14.72 29.92
CA VAL D 86 -7.02 -13.91 30.67
C VAL D 86 -8.39 -13.81 30.02
N LYS D 87 -8.63 -14.56 28.94
CA LYS D 87 -9.92 -14.51 28.26
C LYS D 87 -11.03 -14.98 29.18
N GLY D 88 -12.00 -14.11 29.43
CA GLY D 88 -13.10 -14.39 30.32
C GLY D 88 -12.89 -13.90 31.75
N ARG D 89 -11.64 -13.82 32.19
CA ARG D 89 -11.35 -13.36 33.55
C ARG D 89 -11.21 -11.83 33.59
N PHE D 90 -10.36 -11.28 32.73
CA PHE D 90 -10.14 -9.85 32.71
C PHE D 90 -11.25 -9.15 31.91
N THR D 91 -11.33 -7.83 32.04
CA THR D 91 -12.30 -7.04 31.30
C THR D 91 -11.71 -5.67 31.02
N ILE D 92 -11.59 -5.32 29.75
CA ILE D 92 -11.05 -4.02 29.34
C ILE D 92 -12.22 -3.11 28.98
N SER D 93 -12.08 -1.82 29.29
CA SER D 93 -13.13 -0.86 29.00
C SER D 93 -12.52 0.53 28.84
N ARG D 94 -12.79 1.17 27.71
CA ARG D 94 -12.32 2.53 27.48
C ARG D 94 -13.37 3.53 27.91
N ASP D 95 -12.89 4.72 28.31
CA ASP D 95 -13.76 5.83 28.71
C ASP D 95 -13.21 7.08 28.03
N ASN D 96 -13.86 7.49 26.95
CA ASN D 96 -13.42 8.65 26.18
C ASN D 96 -13.82 9.96 26.83
N ALA D 97 -14.72 9.93 27.81
CA ALA D 97 -15.10 11.16 28.51
C ALA D 97 -13.97 11.63 29.43
N LYS D 98 -13.36 10.72 30.16
CA LYS D 98 -12.22 11.03 31.02
C LYS D 98 -10.89 10.59 30.43
N ASN D 99 -10.90 9.97 29.25
CA ASN D 99 -9.69 9.49 28.58
C ASN D 99 -8.93 8.49 29.47
N THR D 100 -9.62 7.42 29.87
CA THR D 100 -9.03 6.45 30.77
C THR D 100 -9.40 5.04 30.36
N LEU D 101 -8.43 4.14 30.44
CA LEU D 101 -8.62 2.73 30.11
C LEU D 101 -8.61 1.90 31.39
N TYR D 102 -9.71 1.21 31.67
CA TYR D 102 -9.84 0.41 32.87
C TYR D 102 -9.69 -1.06 32.52
N LEU D 103 -8.89 -1.76 33.35
CA LEU D 103 -8.69 -3.20 33.23
C LEU D 103 -9.12 -3.83 34.56
N GLN D 104 -10.28 -4.46 34.57
CA GLN D 104 -10.79 -5.15 35.74
C GLN D 104 -10.34 -6.60 35.69
N MET D 105 -9.36 -6.94 36.52
CA MET D 105 -8.87 -8.29 36.63
C MET D 105 -9.67 -9.04 37.68
N ASN D 106 -10.34 -10.11 37.27
CA ASN D 106 -11.14 -10.94 38.16
C ASN D 106 -10.60 -12.37 38.13
N SER D 107 -10.71 -13.05 39.27
CA SER D 107 -10.19 -14.41 39.45
C SER D 107 -8.72 -14.49 39.05
N LEU D 108 -7.90 -13.77 39.81
CA LEU D 108 -6.46 -13.69 39.52
C LEU D 108 -5.83 -15.07 39.54
N LYS D 109 -4.70 -15.17 38.84
CA LYS D 109 -3.98 -16.43 38.68
C LYS D 109 -2.53 -16.24 39.11
N PRO D 110 -1.94 -17.26 39.75
CA PRO D 110 -0.50 -17.17 40.10
C PRO D 110 0.40 -16.91 38.90
N GLU D 111 -0.06 -17.15 37.68
CA GLU D 111 0.71 -16.85 36.49
C GLU D 111 0.50 -15.42 35.99
N ASP D 112 -0.43 -14.67 36.60
CA ASP D 112 -0.74 -13.32 36.15
C ASP D 112 0.16 -12.26 36.78
N THR D 113 1.10 -12.65 37.64
CA THR D 113 2.01 -11.67 38.24
C THR D 113 2.98 -11.17 37.17
N ALA D 114 2.87 -9.89 36.83
CA ALA D 114 3.64 -9.30 35.75
C ALA D 114 3.50 -7.79 35.84
N VAL D 115 4.30 -7.08 35.04
CA VAL D 115 4.19 -5.64 34.93
C VAL D 115 3.31 -5.34 33.71
N TYR D 116 2.16 -4.72 33.95
CA TYR D 116 1.20 -4.44 32.89
C TYR D 116 1.42 -3.02 32.37
N TYR D 117 1.65 -2.90 31.07
CA TYR D 117 1.82 -1.62 30.40
C TYR D 117 0.56 -1.27 29.59
N CYS D 118 0.27 0.03 29.55
CA CYS D 118 -0.86 0.56 28.78
C CYS D 118 -0.42 0.84 27.34
N ALA D 119 -0.05 -0.23 26.65
CA ALA D 119 0.49 -0.15 25.30
C ALA D 119 -0.58 0.40 24.36
N ARG D 120 -0.34 1.60 23.83
CA ARG D 120 -1.28 2.22 22.91
C ARG D 120 -1.03 1.74 21.48
N CYS D 121 -2.09 1.76 20.68
CA CYS D 121 -1.95 1.44 19.27
C CYS D 121 -1.14 2.53 18.57
N PRO D 122 -0.27 2.18 17.63
CA PRO D 122 0.56 3.19 16.97
C PRO D 122 -0.25 4.21 16.18
N ALA D 123 -1.10 3.74 15.27
CA ALA D 123 -1.86 4.65 14.43
C ALA D 123 -3.32 4.69 14.85
N PRO D 124 -3.94 5.86 14.84
CA PRO D 124 -5.36 5.97 15.19
C PRO D 124 -6.24 5.66 13.98
N PHE D 125 -7.52 5.42 14.27
CA PHE D 125 -8.54 5.07 13.29
C PHE D 125 -8.24 3.79 12.54
N THR D 126 -7.31 2.98 13.02
CA THR D 126 -6.96 1.70 12.42
C THR D 126 -7.15 0.58 13.44
N ARG D 127 -7.14 -0.65 12.94
CA ARG D 127 -7.36 -1.83 13.76
C ARG D 127 -6.08 -2.64 13.98
N ASP D 128 -4.96 -2.24 13.38
CA ASP D 128 -3.70 -2.95 13.51
C ASP D 128 -2.82 -2.26 14.55
N CYS D 129 -2.35 -3.02 15.52
CA CYS D 129 -1.47 -2.51 16.57
C CYS D 129 -0.22 -3.37 16.64
N PHE D 130 0.95 -2.73 16.62
CA PHE D 130 2.23 -3.43 16.65
C PHE D 130 2.94 -3.25 18.00
N ASP D 131 2.16 -3.05 19.07
CA ASP D 131 2.71 -2.94 20.41
C ASP D 131 2.96 -4.29 21.08
N VAL D 132 2.60 -5.38 20.40
CA VAL D 132 2.83 -6.72 20.93
C VAL D 132 4.30 -7.12 20.89
N THR D 133 5.16 -6.27 20.33
CA THR D 133 6.57 -6.58 20.18
C THR D 133 7.30 -6.39 21.51
N SER D 134 8.63 -6.38 21.46
CA SER D 134 9.47 -6.33 22.65
C SER D 134 9.44 -4.92 23.25
N THR D 135 10.34 -4.68 24.21
CA THR D 135 10.34 -3.44 24.97
C THR D 135 10.82 -2.28 24.10
N THR D 136 10.99 -1.12 24.75
CA THR D 136 11.34 0.13 24.08
C THR D 136 10.28 0.52 23.06
N TYR D 137 9.01 0.31 23.41
CA TYR D 137 7.91 0.73 22.57
C TYR D 137 7.63 2.21 22.78
N ALA D 138 7.11 2.84 21.73
CA ALA D 138 6.87 4.29 21.73
C ALA D 138 5.85 4.69 22.79
N TYR D 139 4.61 4.24 22.63
CA TYR D 139 3.50 4.65 23.51
C TYR D 139 3.25 3.53 24.50
N ARG D 140 4.12 3.46 25.51
CA ARG D 140 4.06 2.42 26.53
C ARG D 140 4.43 3.04 27.86
N GLY D 141 3.48 3.05 28.80
CA GLY D 141 3.69 3.67 30.09
C GLY D 141 4.75 2.97 30.91
N GLN D 142 4.93 3.48 32.14
CA GLN D 142 5.91 2.89 33.05
C GLN D 142 5.52 1.48 33.45
N GLY D 143 4.22 1.18 33.51
CA GLY D 143 3.74 -0.12 33.88
C GLY D 143 3.38 -0.21 35.35
N THR D 144 2.58 -1.23 35.67
CA THR D 144 2.14 -1.49 37.04
C THR D 144 2.49 -2.92 37.37
N GLN D 145 3.29 -3.12 38.43
CA GLN D 145 3.73 -4.46 38.83
C GLN D 145 2.61 -5.14 39.60
N VAL D 146 1.67 -5.74 38.85
CA VAL D 146 0.55 -6.46 39.44
C VAL D 146 1.07 -7.84 39.83
N THR D 147 1.31 -8.05 41.12
CA THR D 147 1.83 -9.30 41.64
C THR D 147 0.77 -10.01 42.47
N VAL D 148 0.87 -11.33 42.53
CA VAL D 148 -0.06 -12.15 43.29
C VAL D 148 0.66 -12.67 44.54
N SER D 149 -0.13 -12.98 45.56
CA SER D 149 0.41 -13.48 46.81
C SER D 149 0.67 -14.98 46.70
N SER D 150 1.08 -15.57 47.83
CA SER D 150 1.37 -17.00 47.87
C SER D 150 1.03 -17.58 49.24
N PHE E 27 -42.95 10.07 -38.45
CA PHE E 27 -42.40 10.59 -37.20
C PHE E 27 -43.43 10.53 -36.08
N SER E 28 -44.41 9.64 -36.22
CA SER E 28 -45.43 9.41 -35.21
C SER E 28 -45.32 8.03 -34.57
N VAL E 29 -45.31 6.97 -35.37
CA VAL E 29 -45.11 5.63 -34.84
C VAL E 29 -43.65 5.18 -34.96
N ARG E 30 -42.88 5.76 -35.88
CA ARG E 30 -41.46 5.46 -35.99
C ARG E 30 -40.61 6.34 -35.08
N ILE E 31 -41.19 7.37 -34.47
CA ILE E 31 -40.41 8.26 -33.62
C ILE E 31 -39.98 7.55 -32.34
N LEU E 32 -40.78 6.59 -31.86
CA LEU E 32 -40.41 5.88 -30.64
C LEU E 32 -39.20 4.99 -30.86
N THR E 33 -39.20 4.20 -31.94
CA THR E 33 -38.04 3.37 -32.24
C THR E 33 -36.85 4.22 -32.66
N ALA E 34 -37.10 5.37 -33.29
CA ALA E 34 -36.01 6.30 -33.61
C ALA E 34 -35.34 6.80 -32.34
N CYS E 35 -36.14 7.22 -31.36
CA CYS E 35 -35.59 7.69 -30.09
C CYS E 35 -34.87 6.56 -29.35
N PHE E 36 -35.43 5.35 -29.38
CA PHE E 36 -34.77 4.21 -28.75
C PHE E 36 -33.42 3.93 -29.39
N LEU E 37 -33.35 3.95 -30.73
CA LEU E 37 -32.10 3.67 -31.42
C LEU E 37 -31.08 4.77 -31.17
N SER E 38 -31.52 6.02 -31.14
CA SER E 38 -30.59 7.12 -30.85
C SER E 38 -30.08 7.05 -29.42
N LEU E 39 -30.95 6.71 -28.47
CA LEU E 39 -30.49 6.54 -27.10
C LEU E 39 -29.50 5.39 -26.99
N LEU E 40 -29.73 4.30 -27.72
CA LEU E 40 -28.83 3.16 -27.67
C LEU E 40 -27.46 3.54 -28.22
N ILE E 41 -27.42 4.18 -29.40
CA ILE E 41 -26.13 4.53 -29.98
C ILE E 41 -25.42 5.60 -29.15
N LEU E 42 -26.17 6.53 -28.54
CA LEU E 42 -25.54 7.54 -27.71
C LEU E 42 -24.97 6.94 -26.44
N SER E 43 -25.68 5.99 -25.83
CA SER E 43 -25.14 5.31 -24.65
C SER E 43 -23.91 4.50 -25.00
N THR E 44 -23.94 3.82 -26.16
CA THR E 44 -22.76 3.09 -26.62
C THR E 44 -21.57 4.03 -26.77
N LEU E 45 -21.74 5.13 -27.50
CA LEU E 45 -20.66 6.06 -27.73
C LEU E 45 -20.18 6.69 -26.42
N LEU E 46 -21.10 6.97 -25.49
CA LEU E 46 -20.74 7.57 -24.22
C LEU E 46 -19.87 6.62 -23.40
N GLY E 47 -20.31 5.37 -23.24
CA GLY E 47 -19.49 4.41 -22.53
C GLY E 47 -18.16 4.15 -23.20
N ASN E 48 -18.15 4.13 -24.53
CA ASN E 48 -16.92 3.86 -25.26
C ASN E 48 -15.92 4.99 -25.08
N THR E 49 -16.37 6.24 -25.23
CA THR E 49 -15.51 7.39 -25.01
C THR E 49 -15.07 7.47 -23.56
N LEU E 50 -15.92 7.05 -22.62
CA LEU E 50 -15.54 7.04 -21.22
C LEU E 50 -14.38 6.07 -20.98
N VAL E 51 -14.49 4.85 -21.50
CA VAL E 51 -13.41 3.88 -21.34
C VAL E 51 -12.16 4.37 -22.04
N CYS E 52 -12.31 4.95 -23.23
CA CYS E 52 -11.14 5.41 -23.98
C CYS E 52 -10.41 6.53 -23.25
N ALA E 53 -11.17 7.49 -22.70
CA ALA E 53 -10.54 8.56 -21.93
C ALA E 53 -9.91 8.03 -20.65
N ALA E 54 -10.55 7.05 -20.01
CA ALA E 54 -10.00 6.48 -18.79
C ALA E 54 -8.72 5.70 -19.07
N VAL E 55 -8.56 5.18 -20.28
CA VAL E 55 -7.34 4.42 -20.58
C VAL E 55 -6.26 5.26 -21.26
N ILE E 56 -6.60 6.41 -21.83
CA ILE E 56 -5.57 7.26 -22.42
C ILE E 56 -5.11 8.37 -21.49
N ARG E 57 -5.98 8.85 -20.59
CA ARG E 57 -5.60 9.89 -19.65
C ARG E 57 -5.02 9.30 -18.37
N PHE E 58 -5.70 8.35 -17.77
CA PHE E 58 -5.18 7.64 -16.61
C PHE E 58 -4.26 6.50 -17.07
N ARG E 59 -3.23 6.22 -16.28
CA ARG E 59 -2.26 5.20 -16.61
C ARG E 59 -2.41 3.93 -15.79
N HIS E 60 -3.16 3.96 -14.69
CA HIS E 60 -3.42 2.74 -13.92
C HIS E 60 -4.39 1.82 -14.63
N LEU E 61 -5.02 2.26 -15.71
CA LEU E 61 -5.88 1.41 -16.53
C LEU E 61 -5.22 1.05 -17.86
N ARG E 62 -3.98 1.48 -18.08
CA ARG E 62 -3.26 1.17 -19.30
C ARG E 62 -1.93 0.48 -19.07
N SER E 63 -1.35 0.57 -17.87
CA SER E 63 -0.13 -0.14 -17.56
C SER E 63 -0.36 -1.60 -17.18
N LYS E 64 -1.54 -1.92 -16.67
CA LYS E 64 -1.87 -3.29 -16.33
C LYS E 64 -2.19 -4.07 -17.60
N VAL E 65 -1.56 -5.24 -17.77
CA VAL E 65 -1.69 -5.99 -19.01
C VAL E 65 -3.10 -6.54 -19.17
N THR E 66 -3.75 -6.93 -18.07
CA THR E 66 -5.07 -7.57 -18.16
C THR E 66 -6.10 -6.65 -18.81
N ASN E 67 -5.96 -5.34 -18.64
CA ASN E 67 -6.89 -4.40 -19.24
C ASN E 67 -6.58 -4.09 -20.69
N PHE E 68 -5.37 -4.43 -21.17
CA PHE E 68 -4.98 -4.10 -22.53
C PHE E 68 -6.00 -4.59 -23.54
N PHE E 69 -6.30 -5.88 -23.54
CA PHE E 69 -7.32 -6.41 -24.43
C PHE E 69 -8.64 -5.66 -24.28
N VAL E 70 -9.05 -5.38 -23.05
CA VAL E 70 -10.27 -4.60 -22.83
C VAL E 70 -10.20 -3.28 -23.58
N ILE E 71 -9.06 -2.59 -23.50
CA ILE E 71 -8.87 -1.36 -24.27
C ILE E 71 -9.19 -1.61 -25.73
N SER E 72 -8.57 -2.63 -26.33
CA SER E 72 -8.86 -2.97 -27.72
C SER E 72 -10.34 -3.15 -27.94
N LEU E 73 -11.01 -3.89 -27.05
CA LEU E 73 -12.46 -4.02 -27.14
C LEU E 73 -13.11 -2.65 -27.24
N ALA E 74 -12.85 -1.78 -26.27
CA ALA E 74 -13.38 -0.42 -26.31
C ALA E 74 -13.04 0.24 -27.63
N VAL E 75 -11.80 0.11 -28.10
CA VAL E 75 -11.44 0.65 -29.40
C VAL E 75 -12.37 0.13 -30.48
N SER E 76 -12.47 -1.20 -30.60
CA SER E 76 -13.44 -1.77 -31.53
C SER E 76 -14.83 -1.24 -31.24
N ASP E 77 -15.20 -1.20 -29.95
CA ASP E 77 -16.47 -0.61 -29.58
C ASP E 77 -16.56 0.83 -30.06
N LEU E 78 -15.53 1.64 -29.75
CA LEU E 78 -15.49 2.99 -30.31
C LEU E 78 -15.77 2.96 -31.80
N LEU E 79 -15.08 2.08 -32.53
CA LEU E 79 -15.28 2.01 -33.97
C LEU E 79 -16.73 1.72 -34.32
N VAL E 80 -17.33 0.72 -33.66
CA VAL E 80 -18.70 0.37 -34.05
C VAL E 80 -19.65 1.50 -33.71
N ALA E 81 -19.24 2.38 -32.79
CA ALA E 81 -20.09 3.52 -32.42
C ALA E 81 -19.91 4.71 -33.34
N VAL E 82 -18.86 4.74 -34.15
CA VAL E 82 -18.57 5.93 -34.94
C VAL E 82 -18.75 5.66 -36.43
N LEU E 83 -18.69 4.39 -36.83
CA LEU E 83 -18.70 4.05 -38.25
C LEU E 83 -19.56 2.83 -38.57
N VAL E 84 -20.35 2.32 -37.63
CA VAL E 84 -21.27 1.22 -37.91
C VAL E 84 -22.68 1.58 -37.45
N MET E 85 -22.81 1.93 -36.18
CA MET E 85 -24.13 2.23 -35.61
C MET E 85 -24.83 3.41 -36.28
N PRO E 86 -24.18 4.55 -36.55
CA PRO E 86 -24.94 5.69 -37.09
C PRO E 86 -25.56 5.42 -38.45
N TRP E 87 -24.87 4.71 -39.33
CA TRP E 87 -25.41 4.47 -40.67
C TRP E 87 -26.65 3.60 -40.61
N LYS E 88 -26.56 2.45 -39.94
CA LYS E 88 -27.74 1.58 -39.81
C LYS E 88 -28.84 2.26 -39.01
N ALA E 89 -28.48 3.17 -38.10
CA ALA E 89 -29.49 3.88 -37.32
C ALA E 89 -30.28 4.83 -38.21
N VAL E 90 -29.58 5.68 -38.96
CA VAL E 90 -30.26 6.60 -39.87
C VAL E 90 -30.91 5.86 -41.03
N ALA E 91 -30.54 4.60 -41.27
CA ALA E 91 -31.21 3.82 -42.30
C ALA E 91 -32.50 3.19 -41.80
N GLU E 92 -32.51 2.71 -40.55
CA GLU E 92 -33.68 2.01 -40.04
C GLU E 92 -34.80 2.96 -39.65
N ILE E 93 -34.48 4.22 -39.33
CA ILE E 93 -35.50 5.15 -38.90
C ILE E 93 -36.43 5.57 -40.03
N ALA E 94 -35.99 5.43 -41.28
CA ALA E 94 -36.80 5.82 -42.42
C ALA E 94 -36.92 4.75 -43.50
N GLY E 95 -36.20 3.64 -43.37
CA GLY E 95 -36.24 2.58 -44.37
C GLY E 95 -35.32 2.77 -45.55
N PHE E 96 -34.88 4.00 -45.82
CA PHE E 96 -33.96 4.27 -46.92
C PHE E 96 -32.53 4.00 -46.45
N TRP E 97 -31.55 4.40 -47.27
CA TRP E 97 -30.16 4.19 -46.92
C TRP E 97 -29.28 5.26 -47.55
N PRO E 98 -28.71 6.17 -46.77
CA PRO E 98 -27.72 7.11 -47.31
C PRO E 98 -26.38 6.42 -47.54
N PHE E 99 -25.56 7.06 -48.36
CA PHE E 99 -24.24 6.54 -48.73
C PHE E 99 -24.36 5.15 -49.36
N GLY E 100 -25.06 5.11 -50.50
CA GLY E 100 -25.30 3.83 -51.16
C GLY E 100 -24.02 3.19 -51.68
N SER E 101 -23.19 3.96 -52.38
CA SER E 101 -21.97 3.42 -52.98
C SER E 101 -20.97 2.91 -51.94
N PHE E 102 -21.16 3.24 -50.67
CA PHE E 102 -20.29 2.75 -49.60
C PHE E 102 -20.95 1.66 -48.77
N CYS E 103 -22.18 1.29 -49.12
CA CYS E 103 -22.94 0.34 -48.29
C CYS E 103 -22.18 -0.96 -48.11
N ASN E 104 -21.73 -1.56 -49.21
CA ASN E 104 -20.89 -2.76 -49.11
C ASN E 104 -19.73 -2.53 -48.16
N ILE E 105 -19.00 -1.42 -48.33
CA ILE E 105 -17.93 -1.08 -47.41
C ILE E 105 -18.46 -1.02 -45.99
N TRP E 106 -19.59 -0.35 -45.78
CA TRP E 106 -20.20 -0.33 -44.45
C TRP E 106 -20.38 -1.74 -43.91
N VAL E 107 -20.91 -2.65 -44.74
CA VAL E 107 -21.02 -4.04 -44.33
C VAL E 107 -19.70 -4.54 -43.79
N ALA E 108 -18.63 -4.42 -44.60
CA ALA E 108 -17.30 -4.75 -44.12
C ALA E 108 -17.03 -4.08 -42.78
N PHE E 109 -17.18 -2.75 -42.74
CA PHE E 109 -17.01 -2.01 -41.50
C PHE E 109 -17.76 -2.69 -40.36
N ASP E 110 -19.05 -2.95 -40.55
CA ASP E 110 -19.84 -3.65 -39.54
C ASP E 110 -19.13 -4.93 -39.09
N ILE E 111 -18.86 -5.83 -40.05
CA ILE E 111 -18.11 -7.03 -39.71
C ILE E 111 -16.77 -6.65 -39.08
N MET E 112 -16.04 -5.73 -39.73
CA MET E 112 -14.74 -5.30 -39.23
C MET E 112 -14.81 -4.84 -37.79
N CYS E 113 -16.00 -4.49 -37.31
CA CYS E 113 -16.19 -4.20 -35.89
C CYS E 113 -16.70 -5.42 -35.15
N SER E 114 -17.81 -6.01 -35.63
CA SER E 114 -18.57 -6.96 -34.84
C SER E 114 -17.70 -8.13 -34.39
N THR E 115 -17.21 -8.94 -35.34
CA THR E 115 -16.34 -10.04 -34.98
C THR E 115 -15.15 -9.56 -34.16
N ALA E 116 -14.59 -8.40 -34.51
CA ALA E 116 -13.51 -7.83 -33.71
C ALA E 116 -13.91 -7.77 -32.25
N SER E 117 -15.02 -7.10 -31.94
CA SER E 117 -15.56 -7.11 -30.59
C SER E 117 -15.62 -8.54 -30.06
N ILE E 118 -16.29 -9.44 -30.79
CA ILE E 118 -16.34 -10.83 -30.37
C ILE E 118 -14.93 -11.35 -30.11
N LEU E 119 -14.05 -11.23 -31.11
CA LEU E 119 -12.67 -11.64 -30.92
C LEU E 119 -12.08 -10.99 -29.68
N ASN E 120 -12.21 -9.67 -29.55
CA ASN E 120 -11.79 -9.00 -28.33
C ASN E 120 -12.42 -9.66 -27.12
N LEU E 121 -13.76 -9.73 -27.09
CA LEU E 121 -14.44 -10.48 -26.04
C LEU E 121 -13.77 -11.83 -25.84
N CYS E 122 -13.67 -12.62 -26.92
CA CYS E 122 -13.04 -13.92 -26.83
C CYS E 122 -11.66 -13.81 -26.20
N VAL E 123 -10.79 -12.98 -26.76
CA VAL E 123 -9.43 -12.93 -26.25
C VAL E 123 -9.43 -12.44 -24.81
N ILE E 124 -10.36 -11.54 -24.47
CA ILE E 124 -10.48 -11.13 -23.08
C ILE E 124 -10.69 -12.33 -22.20
N SER E 125 -11.71 -13.14 -22.51
CA SER E 125 -11.90 -14.39 -21.79
C SER E 125 -10.63 -15.21 -21.81
N VAL E 126 -10.01 -15.35 -22.99
CA VAL E 126 -8.75 -16.07 -23.08
C VAL E 126 -7.74 -15.47 -22.10
N ASP E 127 -7.57 -14.16 -22.15
CA ASP E 127 -6.71 -13.48 -21.17
C ASP E 127 -7.14 -13.85 -19.76
N ARG E 128 -8.43 -13.68 -19.44
CA ARG E 128 -8.92 -14.04 -18.12
C ARG E 128 -8.65 -15.50 -17.83
N TYR E 129 -8.80 -16.37 -18.83
CA TYR E 129 -8.48 -17.78 -18.64
C TYR E 129 -7.03 -17.94 -18.20
N TRP E 130 -6.10 -17.30 -18.93
CA TRP E 130 -4.70 -17.38 -18.53
C TRP E 130 -4.47 -16.72 -17.18
N ALA E 131 -5.32 -15.74 -16.83
CA ALA E 131 -5.21 -15.11 -15.52
C ALA E 131 -5.76 -15.98 -14.41
N ILE E 132 -6.53 -17.02 -14.74
CA ILE E 132 -7.15 -17.88 -13.74
C ILE E 132 -6.55 -19.28 -13.75
N SER E 133 -6.33 -19.83 -14.95
CA SER E 133 -5.78 -21.18 -15.04
C SER E 133 -4.33 -21.22 -14.57
N SER E 134 -3.46 -20.46 -15.24
CA SER E 134 -2.03 -20.41 -14.92
C SER E 134 -1.61 -18.95 -14.84
N PRO E 135 -1.84 -18.29 -13.69
CA PRO E 135 -1.45 -16.88 -13.57
C PRO E 135 0.05 -16.66 -13.65
N PHE E 136 0.84 -17.59 -13.12
CA PHE E 136 2.29 -17.46 -13.18
C PHE E 136 2.78 -17.54 -14.62
N ARG E 137 2.35 -18.58 -15.35
CA ARG E 137 2.70 -18.68 -16.77
C ARG E 137 2.10 -17.53 -17.57
N TYR E 138 0.99 -16.96 -17.09
CA TYR E 138 0.40 -15.80 -17.76
C TYR E 138 1.32 -14.60 -17.64
N GLU E 139 1.75 -14.26 -16.43
CA GLU E 139 2.64 -13.13 -16.24
C GLU E 139 4.03 -13.39 -16.81
N ARG E 140 4.41 -14.65 -17.00
CA ARG E 140 5.72 -14.96 -17.57
C ARG E 140 5.70 -14.89 -19.09
N LYS E 141 4.66 -15.44 -19.73
CA LYS E 141 4.58 -15.50 -21.18
C LYS E 141 3.82 -14.32 -21.76
N MET E 142 2.62 -14.03 -21.26
CA MET E 142 1.77 -12.99 -21.81
C MET E 142 2.24 -11.62 -21.31
N THR E 143 3.44 -11.25 -21.75
CA THR E 143 3.96 -9.91 -21.54
C THR E 143 3.11 -8.90 -22.31
N PRO E 144 3.13 -7.63 -21.91
CA PRO E 144 2.44 -6.60 -22.71
C PRO E 144 2.79 -6.65 -24.19
N LYS E 145 4.01 -7.07 -24.54
CA LYS E 145 4.32 -7.31 -25.94
C LYS E 145 3.49 -8.47 -26.50
N ALA E 146 3.38 -9.56 -25.74
CA ALA E 146 2.53 -10.67 -26.17
C ALA E 146 1.06 -10.28 -26.17
N ALA E 147 0.65 -9.40 -25.25
CA ALA E 147 -0.72 -8.90 -25.28
C ALA E 147 -0.99 -8.10 -26.55
N PHE E 148 -0.02 -7.26 -26.95
CA PHE E 148 -0.15 -6.53 -28.20
C PHE E 148 -0.19 -7.50 -29.39
N ILE E 149 0.62 -8.55 -29.35
CA ILE E 149 0.61 -9.55 -30.41
C ILE E 149 -0.77 -10.19 -30.53
N LEU E 150 -1.36 -10.55 -29.39
CA LEU E 150 -2.66 -11.21 -29.41
C LEU E 150 -3.76 -10.25 -29.87
N ILE E 151 -3.70 -8.99 -29.44
CA ILE E 151 -4.66 -8.00 -29.89
C ILE E 151 -4.56 -7.82 -31.40
N SER E 152 -3.34 -7.73 -31.91
CA SER E 152 -3.13 -7.60 -33.34
C SER E 152 -3.61 -8.83 -34.10
N VAL E 153 -3.43 -10.01 -33.51
CA VAL E 153 -3.91 -11.24 -34.16
C VAL E 153 -5.43 -11.23 -34.27
N ALA E 154 -6.11 -10.86 -33.18
CA ALA E 154 -7.57 -10.76 -33.23
C ALA E 154 -8.02 -9.72 -34.26
N TRP E 155 -7.33 -8.57 -34.30
CA TRP E 155 -7.72 -7.51 -35.22
C TRP E 155 -7.50 -7.93 -36.67
N THR E 156 -6.38 -8.60 -36.97
CA THR E 156 -6.15 -9.02 -38.35
C THR E 156 -7.07 -10.17 -38.73
N LEU E 157 -7.45 -11.01 -37.77
CA LEU E 157 -8.48 -12.01 -38.06
C LEU E 157 -9.79 -11.35 -38.47
N SER E 158 -10.20 -10.33 -37.69
CA SER E 158 -11.41 -9.58 -38.05
C SER E 158 -11.26 -8.91 -39.41
N VAL E 159 -10.06 -8.43 -39.73
CA VAL E 159 -9.83 -7.75 -41.01
C VAL E 159 -9.96 -8.74 -42.16
N LEU E 160 -9.24 -9.86 -42.09
CA LEU E 160 -9.29 -10.84 -43.17
C LEU E 160 -10.65 -11.52 -43.28
N ILE E 161 -11.44 -11.56 -42.22
CA ILE E 161 -12.79 -12.08 -42.33
C ILE E 161 -13.78 -11.01 -42.78
N SER E 162 -13.40 -9.73 -42.70
CA SER E 162 -14.29 -8.63 -43.09
C SER E 162 -13.77 -7.88 -44.30
N PHE E 163 -12.54 -7.35 -44.26
CA PHE E 163 -12.04 -6.47 -45.30
C PHE E 163 -11.59 -7.21 -46.56
N ILE E 164 -11.22 -8.48 -46.45
CA ILE E 164 -10.84 -9.27 -47.62
C ILE E 164 -12.07 -9.74 -48.38
N PRO E 165 -13.10 -10.31 -47.74
CA PRO E 165 -14.24 -10.79 -48.53
C PRO E 165 -15.08 -9.68 -49.15
N VAL E 166 -14.96 -8.45 -48.64
CA VAL E 166 -15.75 -7.36 -49.21
C VAL E 166 -15.18 -6.93 -50.56
N GLN E 167 -13.86 -7.02 -50.73
CA GLN E 167 -13.26 -6.69 -52.02
C GLN E 167 -13.46 -7.81 -53.04
N LEU E 168 -13.51 -9.06 -52.57
CA LEU E 168 -13.86 -10.17 -53.45
C LEU E 168 -15.37 -10.31 -53.59
N SER E 169 -16.14 -9.51 -52.85
CA SER E 169 -17.59 -9.53 -52.89
C SER E 169 -18.14 -10.91 -52.56
N TRP E 170 -17.89 -11.38 -51.34
CA TRP E 170 -18.37 -12.67 -50.88
C TRP E 170 -19.75 -12.58 -50.22
N HIS E 171 -20.50 -11.52 -50.51
CA HIS E 171 -21.85 -11.34 -49.99
C HIS E 171 -22.86 -11.59 -51.11
N LYS E 172 -23.86 -12.42 -50.83
CA LYS E 172 -24.89 -12.77 -51.79
C LYS E 172 -24.30 -13.35 -53.07
N ASN E 192 -30.63 0.90 -51.41
CA ASN E 192 -30.75 0.02 -50.25
C ASN E 192 -29.79 -1.16 -50.36
N CYS E 193 -29.18 -1.52 -49.23
CA CYS E 193 -28.27 -2.67 -49.18
C CYS E 193 -28.57 -3.46 -47.91
N ASP E 194 -29.45 -4.46 -48.04
CA ASP E 194 -29.73 -5.36 -46.94
C ASP E 194 -29.80 -6.81 -47.40
N SER E 195 -29.15 -7.14 -48.52
CA SER E 195 -29.20 -8.48 -49.07
C SER E 195 -28.46 -9.46 -48.17
N SER E 196 -28.72 -10.75 -48.40
CA SER E 196 -28.12 -11.81 -47.62
C SER E 196 -26.64 -11.96 -47.99
N LEU E 197 -25.95 -12.84 -47.27
CA LEU E 197 -24.56 -13.16 -47.53
C LEU E 197 -24.47 -14.57 -48.11
N SER E 198 -23.39 -14.82 -48.85
CA SER E 198 -23.17 -16.12 -49.46
C SER E 198 -23.04 -17.19 -48.38
N ARG E 199 -23.85 -18.24 -48.50
CA ARG E 199 -23.83 -19.31 -47.51
C ARG E 199 -22.47 -19.98 -47.43
N THR E 200 -21.69 -19.93 -48.51
CA THR E 200 -20.32 -20.44 -48.46
C THR E 200 -19.44 -19.56 -47.58
N TYR E 201 -19.75 -18.27 -47.51
CA TYR E 201 -18.99 -17.34 -46.67
C TYR E 201 -19.69 -17.02 -45.36
N ALA E 202 -21.01 -16.84 -45.38
CA ALA E 202 -21.74 -16.47 -44.17
C ALA E 202 -21.57 -17.54 -43.09
N ILE E 203 -21.65 -18.81 -43.47
CA ILE E 203 -21.38 -19.89 -42.52
C ILE E 203 -19.90 -19.88 -42.14
N SER E 204 -19.01 -19.72 -43.12
CA SER E 204 -17.58 -19.65 -42.84
C SER E 204 -17.19 -18.40 -42.05
N SER E 205 -17.99 -17.33 -42.14
CA SER E 205 -17.71 -16.13 -41.37
C SER E 205 -18.25 -16.23 -39.95
N SER E 206 -19.55 -16.54 -39.80
CA SER E 206 -20.14 -16.62 -38.47
C SER E 206 -19.43 -17.63 -37.59
N VAL E 207 -18.87 -18.68 -38.20
CA VAL E 207 -18.07 -19.63 -37.44
C VAL E 207 -16.81 -18.95 -36.92
N ILE E 208 -16.07 -18.30 -37.80
CA ILE E 208 -14.87 -17.57 -37.40
C ILE E 208 -15.22 -16.32 -36.61
N SER E 209 -16.36 -15.70 -36.90
CA SER E 209 -16.73 -14.47 -36.21
C SER E 209 -17.24 -14.75 -34.79
N PHE E 210 -18.20 -15.67 -34.65
CA PHE E 210 -18.83 -15.91 -33.37
C PHE E 210 -18.65 -17.34 -32.86
N TYR E 211 -18.90 -18.35 -33.69
CA TYR E 211 -18.99 -19.71 -33.20
C TYR E 211 -17.67 -20.20 -32.63
N ILE E 212 -16.57 -20.07 -33.40
CA ILE E 212 -15.26 -20.46 -32.88
C ILE E 212 -14.85 -19.58 -31.71
N PRO E 213 -15.00 -18.25 -31.72
CA PRO E 213 -14.71 -17.48 -30.50
C PRO E 213 -15.59 -17.86 -29.33
N VAL E 214 -16.91 -18.00 -29.54
CA VAL E 214 -17.79 -18.33 -28.42
C VAL E 214 -17.55 -19.77 -27.96
N ALA E 215 -17.02 -20.63 -28.84
CA ALA E 215 -16.61 -21.96 -28.41
C ALA E 215 -15.42 -21.88 -27.45
N ILE E 216 -14.42 -21.07 -27.80
CA ILE E 216 -13.31 -20.82 -26.89
C ILE E 216 -13.79 -20.02 -25.68
N MET E 217 -14.69 -19.06 -25.91
CA MET E 217 -15.20 -18.25 -24.81
C MET E 217 -16.03 -19.08 -23.83
N ILE E 218 -16.79 -20.05 -24.34
CA ILE E 218 -17.53 -20.95 -23.46
C ILE E 218 -16.54 -21.83 -22.69
N VAL E 219 -15.56 -22.39 -23.39
CA VAL E 219 -14.59 -23.28 -22.74
C VAL E 219 -13.78 -22.54 -21.70
N THR E 220 -13.24 -21.37 -22.08
CA THR E 220 -12.40 -20.62 -21.15
C THR E 220 -13.19 -20.13 -19.95
N TYR E 221 -14.46 -19.79 -20.14
CA TYR E 221 -15.27 -19.32 -19.02
C TYR E 221 -15.82 -20.48 -18.19
N THR E 222 -16.12 -21.62 -18.83
CA THR E 222 -16.54 -22.78 -18.05
C THR E 222 -15.35 -23.44 -17.35
N ARG E 223 -14.14 -23.23 -17.87
CA ARG E 223 -12.95 -23.66 -17.14
C ARG E 223 -12.65 -22.70 -15.99
N ILE E 224 -12.87 -21.40 -16.21
CA ILE E 224 -12.73 -20.42 -15.13
C ILE E 224 -13.72 -20.73 -14.02
N TYR E 225 -14.96 -21.09 -14.38
CA TYR E 225 -15.96 -21.41 -13.37
C TYR E 225 -15.54 -22.61 -12.53
N ARG E 226 -14.97 -23.64 -13.17
CA ARG E 226 -14.49 -24.79 -12.41
C ARG E 226 -13.33 -24.42 -11.49
N ILE E 227 -12.44 -23.54 -11.97
CA ILE E 227 -11.31 -23.12 -11.13
C ILE E 227 -11.80 -22.14 -10.07
N ALA E 228 -12.72 -21.24 -10.43
CA ALA E 228 -13.27 -20.33 -9.44
C ALA E 228 -14.08 -21.06 -8.38
N GLN E 229 -14.81 -22.10 -8.78
CA GLN E 229 -15.51 -22.93 -7.80
C GLN E 229 -14.52 -23.71 -6.94
N LYS E 230 -13.41 -24.15 -7.54
CA LYS E 230 -12.37 -24.82 -6.77
C LYS E 230 -11.79 -23.89 -5.72
N GLN E 231 -11.55 -22.62 -6.09
CA GLN E 231 -11.09 -21.65 -5.10
C GLN E 231 -12.19 -21.33 -4.10
N ILE E 232 -13.44 -21.25 -4.56
CA ILE E 232 -14.56 -21.00 -3.66
C ILE E 232 -14.70 -22.14 -2.66
N ARG E 233 -14.54 -23.39 -3.12
CA ARG E 233 -14.55 -24.53 -2.21
C ARG E 233 -13.39 -24.44 -1.22
N ARG E 234 -12.22 -24.00 -1.69
CA ARG E 234 -11.10 -23.79 -0.78
C ARG E 234 -11.36 -22.60 0.15
N ILE E 235 -12.02 -21.56 -0.35
CA ILE E 235 -12.40 -20.44 0.50
C ILE E 235 -13.40 -20.88 1.56
N ALA E 236 -14.41 -21.65 1.15
CA ALA E 236 -15.41 -22.13 2.09
C ALA E 236 -14.79 -23.11 3.09
N ALA E 237 -13.84 -23.93 2.64
CA ALA E 237 -13.17 -24.85 3.54
C ALA E 237 -12.38 -24.13 4.63
N LEU E 238 -11.94 -22.90 4.38
CA LEU E 238 -11.21 -22.11 5.37
C LEU E 238 -12.13 -21.16 6.12
N GLU E 239 -13.15 -20.63 5.44
CA GLU E 239 -14.07 -19.70 6.10
C GLU E 239 -14.99 -20.43 7.06
N ARG E 240 -15.61 -21.52 6.60
CA ARG E 240 -16.51 -22.27 7.47
C ARG E 240 -15.78 -22.91 8.64
N ALA E 241 -14.52 -23.33 8.43
CA ALA E 241 -13.74 -23.88 9.53
C ALA E 241 -13.41 -22.82 10.57
N ALA E 242 -13.28 -21.56 10.14
CA ALA E 242 -13.04 -20.48 11.10
C ALA E 242 -14.29 -20.19 11.92
N VAL E 243 -15.48 -20.39 11.34
CA VAL E 243 -16.73 -20.16 12.05
C VAL E 243 -17.17 -21.37 12.87
N HIS E 244 -16.89 -22.58 12.40
CA HIS E 244 -17.28 -23.79 13.11
C HIS E 244 -16.56 -23.90 14.46
N SER E 270 -21.99 -19.49 2.25
CA SER E 270 -21.34 -20.50 1.42
C SER E 270 -21.69 -20.29 -0.06
N PHE E 271 -22.93 -20.61 -0.42
CA PHE E 271 -23.37 -20.44 -1.80
C PHE E 271 -23.58 -18.98 -2.17
N LYS E 272 -23.64 -18.08 -1.18
CA LYS E 272 -23.78 -16.66 -1.48
C LYS E 272 -22.58 -16.16 -2.27
N ARG E 273 -21.36 -16.56 -1.88
CA ARG E 273 -20.18 -16.21 -2.63
C ARG E 273 -19.98 -17.12 -3.83
N GLU E 274 -20.43 -18.38 -3.73
CA GLU E 274 -20.32 -19.31 -4.84
C GLU E 274 -21.20 -18.93 -6.01
N THR E 275 -22.28 -18.18 -5.76
CA THR E 275 -23.15 -17.69 -6.82
C THR E 275 -22.71 -16.34 -7.37
N LYS E 276 -21.79 -15.64 -6.69
CA LYS E 276 -21.30 -14.37 -7.20
C LYS E 276 -20.52 -14.57 -8.50
N VAL E 277 -19.68 -15.61 -8.56
CA VAL E 277 -18.97 -15.90 -9.79
C VAL E 277 -19.94 -16.38 -10.87
N LEU E 278 -20.97 -17.14 -10.46
CA LEU E 278 -21.98 -17.56 -11.42
C LEU E 278 -22.81 -16.39 -11.92
N LYS E 279 -23.13 -15.45 -11.02
CA LYS E 279 -23.82 -14.24 -11.44
C LYS E 279 -22.94 -13.36 -12.31
N THR E 280 -21.66 -13.25 -11.96
CA THR E 280 -20.73 -12.47 -12.78
C THR E 280 -20.56 -13.11 -14.16
N LEU E 281 -20.42 -14.43 -14.21
CA LEU E 281 -20.35 -15.12 -15.50
C LEU E 281 -21.65 -15.03 -16.26
N SER E 282 -22.77 -14.82 -15.56
CA SER E 282 -24.05 -14.62 -16.23
C SER E 282 -24.14 -13.25 -16.89
N VAL E 283 -23.29 -12.31 -16.51
CA VAL E 283 -23.27 -10.99 -17.14
C VAL E 283 -22.12 -10.86 -18.13
N ILE E 284 -20.93 -11.35 -17.77
CA ILE E 284 -19.79 -11.25 -18.67
C ILE E 284 -19.86 -12.27 -19.81
N MET E 285 -20.64 -13.33 -19.66
CA MET E 285 -20.82 -14.30 -20.73
C MET E 285 -22.29 -14.50 -21.10
N GLY E 286 -23.18 -14.54 -20.12
CA GLY E 286 -24.60 -14.74 -20.43
C GLY E 286 -25.20 -13.60 -21.21
N VAL E 287 -24.86 -12.36 -20.83
CA VAL E 287 -25.37 -11.20 -21.57
C VAL E 287 -24.77 -11.16 -22.96
N PHE E 288 -23.47 -11.45 -23.08
CA PHE E 288 -22.84 -11.50 -24.39
C PHE E 288 -23.49 -12.56 -25.27
N VAL E 289 -23.85 -13.70 -24.69
CA VAL E 289 -24.51 -14.75 -25.45
C VAL E 289 -25.94 -14.35 -25.78
N CYS E 290 -26.69 -13.88 -24.77
CA CYS E 290 -28.08 -13.53 -24.95
C CYS E 290 -28.30 -12.39 -25.94
N CYS E 291 -27.25 -11.69 -26.35
CA CYS E 291 -27.37 -10.62 -27.33
C CYS E 291 -26.86 -11.03 -28.71
N TRP E 292 -25.67 -11.64 -28.77
CA TRP E 292 -25.07 -11.98 -30.05
C TRP E 292 -25.58 -13.31 -30.60
N LEU E 293 -25.78 -14.31 -29.75
CA LEU E 293 -26.26 -15.61 -30.23
C LEU E 293 -27.64 -15.54 -30.88
N PRO E 294 -28.64 -14.84 -30.33
CA PRO E 294 -29.94 -14.77 -31.04
C PRO E 294 -29.84 -14.19 -32.43
N PHE E 295 -28.80 -13.40 -32.72
CA PHE E 295 -28.59 -12.93 -34.08
C PHE E 295 -27.83 -13.95 -34.91
N PHE E 296 -26.81 -14.58 -34.33
CA PHE E 296 -25.96 -15.50 -35.08
C PHE E 296 -26.65 -16.83 -35.35
N ILE E 297 -27.70 -17.19 -34.60
CA ILE E 297 -28.48 -18.37 -34.97
C ILE E 297 -29.28 -18.09 -36.24
N LEU E 298 -29.75 -16.86 -36.41
CA LEU E 298 -30.39 -16.47 -37.66
C LEU E 298 -29.38 -16.20 -38.76
N ASN E 299 -28.22 -15.62 -38.42
CA ASN E 299 -27.18 -15.37 -39.41
C ASN E 299 -26.66 -16.65 -40.04
N CYS E 300 -26.83 -17.80 -39.37
CA CYS E 300 -26.46 -19.09 -39.93
C CYS E 300 -27.59 -19.77 -40.67
N ILE E 301 -28.83 -19.36 -40.43
CA ILE E 301 -29.98 -19.95 -41.12
C ILE E 301 -30.64 -18.99 -42.10
N LEU E 302 -30.32 -17.69 -42.05
CA LEU E 302 -30.86 -16.76 -43.04
C LEU E 302 -30.41 -17.11 -44.46
N PRO E 303 -29.13 -17.41 -44.73
CA PRO E 303 -28.79 -17.95 -46.05
C PRO E 303 -29.19 -19.40 -46.22
N PHE E 304 -29.35 -20.16 -45.13
CA PHE E 304 -29.76 -21.55 -45.18
C PHE E 304 -31.27 -21.69 -45.06
N CYS E 305 -31.99 -20.97 -45.91
CA CYS E 305 -33.46 -21.01 -45.90
C CYS E 305 -34.01 -20.42 -47.20
N CYS E 314 -38.16 -19.08 -42.09
CA CYS E 314 -36.88 -18.97 -41.39
C CYS E 314 -36.78 -17.64 -40.65
N ILE E 315 -36.52 -16.56 -41.41
CA ILE E 315 -36.39 -15.23 -40.85
C ILE E 315 -36.73 -14.22 -41.93
N ASP E 316 -37.39 -13.13 -41.52
CA ASP E 316 -37.81 -12.07 -42.41
C ASP E 316 -36.79 -10.93 -42.37
N SER E 317 -37.04 -9.90 -43.17
CA SER E 317 -36.15 -8.76 -43.24
C SER E 317 -36.46 -7.69 -42.21
N ASN E 318 -37.69 -7.63 -41.71
CA ASN E 318 -38.09 -6.64 -40.71
C ASN E 318 -37.75 -7.08 -39.29
N THR E 319 -37.46 -8.36 -39.07
CA THR E 319 -37.10 -8.85 -37.75
C THR E 319 -35.62 -9.23 -37.63
N PHE E 320 -34.94 -9.44 -38.76
CA PHE E 320 -33.52 -9.78 -38.71
C PHE E 320 -32.68 -8.61 -38.27
N ASP E 321 -32.98 -7.40 -38.78
CA ASP E 321 -32.24 -6.22 -38.37
C ASP E 321 -32.43 -5.92 -36.89
N VAL E 322 -33.61 -6.24 -36.35
CA VAL E 322 -33.84 -6.05 -34.91
C VAL E 322 -32.90 -6.93 -34.11
N PHE E 323 -32.70 -8.18 -34.54
CA PHE E 323 -31.74 -9.06 -33.87
C PHE E 323 -30.31 -8.60 -34.12
N VAL E 324 -30.05 -7.98 -35.27
CA VAL E 324 -28.73 -7.39 -35.51
C VAL E 324 -28.47 -6.27 -34.52
N TRP E 325 -29.47 -5.40 -34.29
CA TRP E 325 -29.34 -4.38 -33.26
C TRP E 325 -29.30 -5.01 -31.88
N PHE E 326 -29.99 -6.14 -31.69
CA PHE E 326 -29.88 -6.87 -30.44
C PHE E 326 -28.47 -7.40 -30.23
N GLY E 327 -27.79 -7.76 -31.32
CA GLY E 327 -26.39 -8.14 -31.22
C GLY E 327 -25.51 -6.97 -30.88
N TRP E 328 -25.76 -5.81 -31.49
CA TRP E 328 -25.01 -4.60 -31.16
C TRP E 328 -25.32 -4.11 -29.76
N ALA E 329 -26.40 -4.60 -29.13
CA ALA E 329 -26.72 -4.20 -27.77
C ALA E 329 -25.67 -4.67 -26.79
N ASN E 330 -24.97 -5.76 -27.10
CA ASN E 330 -23.86 -6.20 -26.25
C ASN E 330 -22.74 -5.17 -26.26
N SER E 331 -22.52 -4.52 -27.41
CA SER E 331 -21.54 -3.45 -27.48
C SER E 331 -21.94 -2.26 -26.63
N SER E 332 -23.24 -2.08 -26.40
CA SER E 332 -23.71 -1.01 -25.54
C SER E 332 -23.43 -1.32 -24.06
N LEU E 333 -23.48 -2.60 -23.70
CA LEU E 333 -23.24 -3.01 -22.31
C LEU E 333 -21.82 -3.48 -22.06
N ASN E 334 -20.96 -3.49 -23.09
CA ASN E 334 -19.58 -3.91 -22.88
C ASN E 334 -18.84 -3.03 -21.87
N PRO E 335 -18.92 -1.69 -21.91
CA PRO E 335 -18.31 -0.91 -20.82
C PRO E 335 -18.97 -1.15 -19.47
N ILE E 336 -20.27 -1.47 -19.46
CA ILE E 336 -20.95 -1.76 -18.20
C ILE E 336 -20.57 -3.13 -17.65
N ILE E 337 -20.00 -3.99 -18.46
CA ILE E 337 -19.67 -5.36 -18.06
C ILE E 337 -18.19 -5.50 -17.71
N TYR E 338 -17.29 -5.08 -18.60
CA TYR E 338 -15.87 -5.27 -18.39
C TYR E 338 -15.19 -4.09 -17.72
N ALA E 339 -15.66 -2.87 -17.96
CA ALA E 339 -15.16 -1.70 -17.28
C ALA E 339 -15.93 -1.39 -15.99
N PHE E 340 -16.54 -2.40 -15.39
CA PHE E 340 -17.29 -2.25 -14.15
C PHE E 340 -16.46 -2.49 -12.91
N ASN E 341 -15.18 -2.86 -13.07
CA ASN E 341 -14.32 -3.11 -11.93
C ASN E 341 -14.05 -1.82 -11.16
N ALA E 342 -13.54 -1.97 -9.94
CA ALA E 342 -13.26 -0.81 -9.10
C ALA E 342 -12.18 0.07 -9.69
N ASP E 343 -11.26 -0.50 -10.47
CA ASP E 343 -10.22 0.29 -11.10
C ASP E 343 -10.80 1.23 -12.16
N PHE E 344 -11.74 0.72 -12.96
CA PHE E 344 -12.37 1.55 -13.98
C PHE E 344 -13.50 2.40 -13.40
N ARG E 345 -14.13 1.94 -12.30
CA ARG E 345 -15.21 2.71 -11.71
C ARG E 345 -14.70 4.00 -11.08
N LYS E 346 -13.51 3.96 -10.48
CA LYS E 346 -12.95 5.17 -9.88
C LYS E 346 -12.58 6.20 -10.94
N ALA E 347 -12.15 5.76 -12.12
CA ALA E 347 -11.83 6.69 -13.18
C ALA E 347 -13.09 7.30 -13.80
N PHE E 348 -14.19 6.54 -13.85
CA PHE E 348 -15.43 7.06 -14.39
C PHE E 348 -16.07 8.08 -13.47
N SER E 349 -15.84 7.96 -12.16
CA SER E 349 -16.40 8.92 -11.22
C SER E 349 -15.75 10.30 -11.35
N THR E 350 -14.46 10.34 -11.66
CA THR E 350 -13.76 11.60 -11.84
C THR E 350 -13.99 12.20 -13.23
N LEU E 351 -14.04 11.36 -14.25
CA LEU E 351 -14.24 11.82 -15.62
C LEU E 351 -15.73 12.09 -15.89
#